data_3VAS
#
_entry.id   3VAS
#
_cell.length_a   58.970
_cell.length_b   180.120
_cell.length_c   79.270
_cell.angle_alpha   90.00
_cell.angle_beta   90.00
_cell.angle_gamma   90.00
#
_symmetry.space_group_name_H-M   'P 21 21 2'
#
loop_
_entity.id
_entity.type
_entity.pdbx_description
1 polymer 'Putative adenosine kinase'
2 non-polymer ADENOSINE
3 non-polymer 'CHLORIDE ION'
4 water water
#
_entity_poly.entity_id   1
_entity_poly.type   'polypeptide(L)'
_entity_poly.pdbx_seq_one_letter_code
;MGSSHHHHHHSSGLVPRGSHDLSEGYVFGMGNPLLDIIVDADDFMYRKYNLKKDNIVLAEEKHMTIYDEIQKKKKLNYIA
GGATLNTVKMIQWIIQKPFVCSYVGCIGADIQGKYIKNDCSALDLVTEFQIAEEPLMTGKVAVLVSEKLRSMVTYLGAAC
DLSLAHIEQPHVWSLVEKAQVYYIAGFVINTCYEGMLKIAKHSLENEKLFCFNLSAPFLSQFNTKEVDEMISYSNIVFGN
ESEAEAYGEVHGLLEDTVHATARYIADLPFADGKKRKRLVIITRGKNPLLYTDSSDSEIHQFMVEQFKDDQIIDTNGAGD
AFAAGFIADYIRGKPMITSLHAAVKAAAYIICRSGFSLGSRDSYSLKINK
;
_entity_poly.pdbx_strand_id   A,B
#
loop_
_chem_comp.id
_chem_comp.type
_chem_comp.name
_chem_comp.formula
ADN non-polymer ADENOSINE 'C10 H13 N5 O4'
CL non-polymer 'CHLORIDE ION' 'Cl -1'
#
# COMPACT_ATOMS: atom_id res chain seq x y z
N ASP A 21 -26.03 10.89 -7.65
CA ASP A 21 -25.10 11.24 -6.59
C ASP A 21 -25.43 10.49 -5.31
N LEU A 22 -24.61 9.50 -4.99
CA LEU A 22 -24.87 8.61 -3.85
C LEU A 22 -24.31 9.13 -2.54
N SER A 23 -25.11 8.98 -1.48
CA SER A 23 -24.73 9.32 -0.13
C SER A 23 -23.48 8.55 0.32
N GLU A 24 -22.72 9.10 1.27
CA GLU A 24 -21.58 8.40 1.83
C GLU A 24 -22.01 7.15 2.59
N GLY A 25 -21.22 6.09 2.49
CA GLY A 25 -21.57 4.83 3.13
C GLY A 25 -22.85 4.23 2.58
N TYR A 26 -23.18 4.55 1.34
CA TYR A 26 -24.37 4.01 0.67
C TYR A 26 -24.26 2.49 0.51
N VAL A 27 -23.02 2.01 0.29
CA VAL A 27 -22.75 0.60 0.06
C VAL A 27 -21.90 0.03 1.20
N PHE A 28 -22.36 -1.08 1.79
CA PHE A 28 -21.64 -1.72 2.89
C PHE A 28 -21.28 -3.15 2.54
N GLY A 29 -20.04 -3.54 2.81
CA GLY A 29 -19.63 -4.92 2.71
C GLY A 29 -19.00 -5.42 3.99
N MET A 30 -19.18 -6.70 4.29
CA MET A 30 -18.38 -7.36 5.33
C MET A 30 -17.84 -8.65 4.76
N GLY A 31 -16.61 -9.01 5.10
CA GLY A 31 -16.02 -10.22 4.56
C GLY A 31 -14.69 -10.67 5.15
N ASN A 32 -13.99 -11.50 4.38
CA ASN A 32 -12.70 -12.01 4.79
C ASN A 32 -11.57 -11.29 4.04
N PRO A 33 -10.86 -10.38 4.71
CA PRO A 33 -9.78 -9.70 4.02
C PRO A 33 -8.54 -10.58 4.00
N LEU A 34 -8.08 -10.92 2.80
CA LEU A 34 -7.02 -11.91 2.66
C LEU A 34 -5.89 -11.41 1.76
N LEU A 35 -4.69 -11.92 1.99
CA LEU A 35 -3.58 -11.64 1.10
C LEU A 35 -3.48 -12.74 0.06
N ASP A 36 -3.53 -12.36 -1.21
CA ASP A 36 -3.30 -13.32 -2.30
C ASP A 36 -1.81 -13.51 -2.54
N ILE A 37 -1.39 -14.76 -2.61
CA ILE A 37 -0.01 -15.08 -2.94
C ILE A 37 0.02 -15.84 -4.27
N ILE A 38 0.30 -15.11 -5.34
CA ILE A 38 0.18 -15.64 -6.69
C ILE A 38 1.51 -16.18 -7.21
N VAL A 39 1.50 -17.46 -7.57
CA VAL A 39 2.73 -18.15 -7.96
C VAL A 39 2.52 -18.97 -9.23
N ASP A 40 3.52 -18.98 -10.09
CA ASP A 40 3.56 -19.90 -11.20
C ASP A 40 3.88 -21.30 -10.66
N ALA A 41 2.85 -22.15 -10.60
CA ALA A 41 2.98 -23.45 -9.97
C ALA A 41 3.44 -24.54 -10.93
N ASP A 42 4.23 -25.47 -10.42
CA ASP A 42 4.63 -26.65 -11.17
C ASP A 42 3.46 -27.63 -11.23
N ASP A 43 3.47 -28.50 -12.23
CA ASP A 43 2.35 -29.41 -12.46
C ASP A 43 2.14 -30.41 -11.32
N PHE A 44 3.21 -30.78 -10.62
CA PHE A 44 3.09 -31.76 -9.54
C PHE A 44 2.24 -31.24 -8.40
N MET A 45 2.24 -29.92 -8.21
CA MET A 45 1.54 -29.28 -7.10
C MET A 45 0.05 -29.62 -7.06
N TYR A 46 -0.56 -29.70 -8.24
CA TYR A 46 -1.99 -29.96 -8.34
C TYR A 46 -2.33 -31.40 -7.96
N ARG A 47 -1.44 -32.33 -8.30
CA ARG A 47 -1.60 -33.73 -7.91
C ARG A 47 -1.28 -33.90 -6.43
N LYS A 48 -0.16 -33.33 -6.01
CA LYS A 48 0.30 -33.40 -4.63
C LYS A 48 -0.77 -32.94 -3.62
N TYR A 49 -1.46 -31.84 -3.95
CA TYR A 49 -2.46 -31.30 -3.03
C TYR A 49 -3.90 -31.59 -3.47
N ASN A 50 -4.05 -32.45 -4.47
CA ASN A 50 -5.36 -32.81 -5.00
C ASN A 50 -6.22 -31.58 -5.36
N LEU A 51 -5.64 -30.65 -6.11
CA LEU A 51 -6.33 -29.41 -6.45
C LEU A 51 -6.99 -29.49 -7.83
N LYS A 52 -8.07 -28.74 -8.00
CA LYS A 52 -8.88 -28.81 -9.22
C LYS A 52 -8.92 -27.46 -9.94
N LYS A 53 -9.20 -27.52 -11.24
CA LYS A 53 -9.30 -26.34 -12.10
C LYS A 53 -10.32 -25.33 -11.59
N ASP A 54 -9.94 -24.06 -11.59
CA ASP A 54 -10.84 -22.95 -11.25
C ASP A 54 -11.56 -23.13 -9.93
N ASN A 55 -10.94 -23.85 -9.00
CA ASN A 55 -11.57 -24.16 -7.74
C ASN A 55 -10.89 -23.49 -6.56
N ILE A 56 -11.57 -23.49 -5.42
CA ILE A 56 -10.97 -23.03 -4.18
C ILE A 56 -11.31 -24.01 -3.06
N VAL A 57 -10.31 -24.34 -2.24
CA VAL A 57 -10.54 -25.15 -1.05
C VAL A 57 -9.99 -24.44 0.18
N LEU A 58 -10.63 -24.68 1.32
CA LEU A 58 -10.12 -24.18 2.59
C LEU A 58 -9.05 -25.14 3.08
N ALA A 59 -7.87 -24.60 3.39
CA ALA A 59 -6.75 -25.43 3.85
C ALA A 59 -7.11 -26.38 4.99
N GLU A 60 -6.80 -27.65 4.79
CA GLU A 60 -6.84 -28.64 5.86
C GLU A 60 -5.39 -28.93 6.21
N GLU A 61 -5.16 -29.84 7.16
CA GLU A 61 -3.80 -30.09 7.63
C GLU A 61 -2.89 -30.60 6.51
N LYS A 62 -3.45 -31.42 5.62
CA LYS A 62 -2.68 -31.93 4.48
C LYS A 62 -2.25 -30.84 3.51
N HIS A 63 -2.88 -29.68 3.57
CA HIS A 63 -2.58 -28.58 2.65
C HIS A 63 -1.50 -27.64 3.19
N MET A 64 -1.24 -27.70 4.49
CA MET A 64 -0.47 -26.66 5.16
C MET A 64 0.94 -26.42 4.64
N THR A 65 1.57 -27.45 4.09
CA THR A 65 2.95 -27.30 3.59
C THR A 65 3.03 -26.42 2.35
N ILE A 66 1.89 -26.18 1.70
CA ILE A 66 1.87 -25.43 0.45
C ILE A 66 2.41 -24.00 0.62
N TYR A 67 2.16 -23.41 1.78
CA TYR A 67 2.57 -22.02 2.01
C TYR A 67 4.08 -21.88 2.15
N ASP A 68 4.72 -22.81 2.85
CA ASP A 68 6.17 -22.83 2.92
C ASP A 68 6.74 -23.21 1.56
N GLU A 69 6.04 -24.09 0.85
CA GLU A 69 6.51 -24.60 -0.43
C GLU A 69 6.55 -23.53 -1.53
N ILE A 70 5.47 -22.79 -1.70
CA ILE A 70 5.43 -21.76 -2.74
C ILE A 70 6.33 -20.58 -2.38
N GLN A 71 6.70 -20.47 -1.11
CA GLN A 71 7.56 -19.38 -0.65
C GLN A 71 9.00 -19.61 -1.11
N LYS A 72 9.26 -20.78 -1.66
CA LYS A 72 10.57 -21.11 -2.20
C LYS A 72 10.64 -20.76 -3.68
N LYS A 73 9.48 -20.40 -4.23
CA LYS A 73 9.39 -20.02 -5.63
C LYS A 73 9.74 -18.55 -5.79
N LYS A 74 10.41 -18.22 -6.90
CA LYS A 74 10.66 -16.82 -7.24
C LYS A 74 9.43 -16.24 -7.91
N LYS A 75 9.47 -14.96 -8.25
CA LYS A 75 8.41 -14.29 -8.99
C LYS A 75 7.05 -14.29 -8.27
N LEU A 76 7.08 -14.35 -6.94
CA LEU A 76 5.84 -14.30 -6.17
C LEU A 76 5.18 -12.92 -6.27
N ASN A 77 3.87 -12.91 -6.49
CA ASN A 77 3.11 -11.66 -6.51
C ASN A 77 2.20 -11.58 -5.29
N TYR A 78 2.44 -10.60 -4.43
CA TYR A 78 1.63 -10.39 -3.25
C TYR A 78 0.65 -9.27 -3.53
N ILE A 79 -0.63 -9.52 -3.32
CA ILE A 79 -1.65 -8.51 -3.61
C ILE A 79 -2.88 -8.73 -2.75
N ALA A 80 -3.48 -7.64 -2.27
CA ALA A 80 -4.67 -7.72 -1.44
C ALA A 80 -5.79 -8.48 -2.13
N GLY A 81 -6.44 -9.37 -1.39
CA GLY A 81 -7.52 -10.18 -1.92
C GLY A 81 -8.74 -10.20 -1.01
N GLY A 82 -9.52 -11.27 -1.10
CA GLY A 82 -10.79 -11.34 -0.38
C GLY A 82 -11.94 -10.98 -1.31
N ALA A 83 -12.85 -11.93 -1.52
CA ALA A 83 -13.90 -11.80 -2.52
C ALA A 83 -14.79 -10.57 -2.30
N THR A 84 -15.30 -10.42 -1.09
CA THR A 84 -16.19 -9.30 -0.78
C THR A 84 -15.44 -7.98 -0.90
N LEU A 85 -14.21 -7.95 -0.38
CA LEU A 85 -13.40 -6.75 -0.41
C LEU A 85 -13.07 -6.33 -1.85
N ASN A 86 -12.73 -7.31 -2.70
CA ASN A 86 -12.49 -7.04 -4.12
C ASN A 86 -13.67 -6.30 -4.75
N THR A 87 -14.86 -6.84 -4.54
CA THR A 87 -16.08 -6.29 -5.13
C THR A 87 -16.40 -4.89 -4.60
N VAL A 88 -16.37 -4.73 -3.29
CA VAL A 88 -16.73 -3.46 -2.67
C VAL A 88 -15.74 -2.34 -3.00
N LYS A 89 -14.45 -2.64 -3.00
CA LYS A 89 -13.48 -1.61 -3.31
C LYS A 89 -13.51 -1.22 -4.79
N MET A 90 -13.89 -2.15 -5.66
CA MET A 90 -14.03 -1.80 -7.07
C MET A 90 -15.30 -0.98 -7.31
N ILE A 91 -16.37 -1.28 -6.57
CA ILE A 91 -17.56 -0.44 -6.63
C ILE A 91 -17.16 0.99 -6.29
N GLN A 92 -16.36 1.12 -5.24
CA GLN A 92 -15.84 2.42 -4.80
C GLN A 92 -14.98 3.08 -5.88
N TRP A 93 -14.11 2.29 -6.51
CA TRP A 93 -13.21 2.77 -7.55
C TRP A 93 -14.00 3.23 -8.79
N ILE A 94 -14.99 2.43 -9.18
CA ILE A 94 -15.84 2.79 -10.31
C ILE A 94 -16.59 4.09 -10.07
N ILE A 95 -17.28 4.17 -8.94
CA ILE A 95 -18.14 5.32 -8.65
C ILE A 95 -17.32 6.58 -8.40
N GLN A 96 -16.12 6.41 -7.87
CA GLN A 96 -15.12 7.48 -7.85
C GLN A 96 -15.49 8.66 -6.94
N LYS A 97 -16.49 8.47 -6.09
CA LYS A 97 -16.81 9.45 -5.06
C LYS A 97 -16.33 8.92 -3.73
N PRO A 98 -15.50 9.70 -3.03
CA PRO A 98 -14.87 9.24 -1.78
C PRO A 98 -15.89 8.81 -0.72
N PHE A 99 -15.66 7.64 -0.13
CA PHE A 99 -16.38 7.17 1.06
C PHE A 99 -17.80 6.68 0.80
N VAL A 100 -18.16 6.47 -0.46
CA VAL A 100 -19.47 5.91 -0.76
C VAL A 100 -19.58 4.46 -0.25
N CYS A 101 -18.45 3.77 -0.16
CA CYS A 101 -18.45 2.37 0.28
C CYS A 101 -17.82 2.15 1.66
N SER A 102 -18.36 1.17 2.38
CA SER A 102 -17.88 0.80 3.70
C SER A 102 -17.54 -0.70 3.71
N TYR A 103 -16.49 -1.06 4.45
CA TYR A 103 -16.09 -2.45 4.57
C TYR A 103 -15.67 -2.82 5.99
N VAL A 104 -16.12 -3.99 6.43
CA VAL A 104 -15.75 -4.56 7.73
C VAL A 104 -15.17 -5.96 7.55
N GLY A 105 -14.03 -6.21 8.17
CA GLY A 105 -13.41 -7.53 8.15
C GLY A 105 -12.41 -7.67 9.28
N CYS A 106 -11.87 -8.87 9.47
CA CYS A 106 -10.90 -9.09 10.53
C CYS A 106 -9.50 -9.46 10.01
N ILE A 107 -8.52 -8.61 10.32
CA ILE A 107 -7.13 -8.87 9.99
C ILE A 107 -6.33 -9.12 11.27
N GLY A 108 -5.09 -9.60 11.11
CA GLY A 108 -4.18 -9.74 12.23
C GLY A 108 -3.36 -8.49 12.46
N ALA A 109 -2.59 -8.46 13.54
CA ALA A 109 -1.73 -7.32 13.84
C ALA A 109 -0.35 -7.54 13.23
N ASP A 110 -0.31 -7.68 11.91
CA ASP A 110 0.93 -7.93 11.20
C ASP A 110 1.04 -6.98 10.01
N ILE A 111 2.15 -7.05 9.28
CA ILE A 111 2.37 -6.17 8.15
C ILE A 111 1.37 -6.43 7.01
N GLN A 112 0.96 -7.69 6.86
CA GLN A 112 0.01 -8.06 5.81
C GLN A 112 -1.32 -7.35 6.04
N GLY A 113 -1.77 -7.35 7.29
CA GLY A 113 -3.02 -6.70 7.65
C GLY A 113 -2.93 -5.20 7.43
N LYS A 114 -1.82 -4.62 7.83
CA LYS A 114 -1.63 -3.18 7.66
C LYS A 114 -1.57 -2.79 6.18
N TYR A 115 -0.93 -3.62 5.37
CA TYR A 115 -0.90 -3.38 3.93
C TYR A 115 -2.32 -3.39 3.34
N ILE A 116 -3.11 -4.39 3.72
CA ILE A 116 -4.49 -4.46 3.26
C ILE A 116 -5.29 -3.21 3.69
N LYS A 117 -5.12 -2.80 4.94
CA LYS A 117 -5.80 -1.59 5.42
C LYS A 117 -5.38 -0.33 4.65
N ASN A 118 -4.08 -0.18 4.40
CA ASN A 118 -3.59 0.98 3.65
C ASN A 118 -4.08 0.99 2.21
N ASP A 119 -4.27 -0.19 1.64
CA ASP A 119 -4.77 -0.34 0.28
C ASP A 119 -6.19 0.19 0.19
N CYS A 120 -7.00 -0.10 1.21
CA CYS A 120 -8.37 0.39 1.29
C CYS A 120 -8.44 1.92 1.41
N SER A 121 -7.61 2.47 2.28
CA SER A 121 -7.57 3.91 2.48
C SER A 121 -7.14 4.64 1.22
N ALA A 122 -6.23 4.04 0.46
CA ALA A 122 -5.76 4.62 -0.79
C ALA A 122 -6.91 4.73 -1.79
N LEU A 123 -7.91 3.87 -1.64
CA LEU A 123 -9.05 3.84 -2.56
C LEU A 123 -10.25 4.66 -2.07
N ASP A 124 -10.08 5.35 -0.94
CA ASP A 124 -11.17 6.09 -0.29
C ASP A 124 -12.31 5.18 0.19
N LEU A 125 -11.98 3.93 0.49
CA LEU A 125 -12.94 3.00 1.07
C LEU A 125 -12.92 3.11 2.60
N VAL A 126 -14.03 3.51 3.19
CA VAL A 126 -14.13 3.57 4.65
C VAL A 126 -14.12 2.17 5.24
N THR A 127 -13.24 1.91 6.19
CA THR A 127 -13.15 0.60 6.82
C THR A 127 -13.23 0.67 8.34
N GLU A 128 -13.72 -0.42 8.94
CA GLU A 128 -13.62 -0.62 10.37
C GLU A 128 -13.16 -2.05 10.61
N PHE A 129 -11.86 -2.26 10.56
CA PHE A 129 -11.29 -3.59 10.73
C PHE A 129 -11.33 -4.03 12.18
N GLN A 130 -11.64 -5.30 12.38
CA GLN A 130 -11.41 -5.92 13.68
C GLN A 130 -10.01 -6.49 13.64
N ILE A 131 -9.25 -6.31 14.71
CA ILE A 131 -7.90 -6.84 14.73
C ILE A 131 -7.89 -8.09 15.60
N ALA A 132 -7.39 -9.19 15.05
CA ALA A 132 -7.34 -10.45 15.77
C ALA A 132 -6.27 -10.42 16.87
N GLU A 133 -6.56 -11.08 17.99
CA GLU A 133 -5.58 -11.25 19.07
C GLU A 133 -4.35 -11.95 18.55
N GLU A 134 -3.18 -11.41 18.87
CA GLU A 134 -1.91 -12.01 18.47
C GLU A 134 -1.76 -13.38 19.14
N PRO A 135 -1.09 -14.32 18.48
CA PRO A 135 -0.39 -14.19 17.21
C PRO A 135 -1.17 -14.74 16.00
N LEU A 136 -2.49 -14.61 15.99
CA LEU A 136 -3.26 -15.05 14.84
C LEU A 136 -3.02 -14.10 13.66
N MET A 137 -2.50 -14.64 12.56
CA MET A 137 -2.08 -13.83 11.42
C MET A 137 -3.16 -13.62 10.38
N THR A 138 -3.06 -12.51 9.64
CA THR A 138 -3.96 -12.20 8.56
C THR A 138 -4.06 -13.40 7.61
N GLY A 139 -5.27 -13.74 7.18
CA GLY A 139 -5.47 -14.85 6.28
C GLY A 139 -4.77 -14.67 4.95
N LYS A 140 -4.57 -15.78 4.24
CA LYS A 140 -3.85 -15.76 2.98
C LYS A 140 -4.43 -16.79 2.01
N VAL A 141 -4.28 -16.52 0.71
CA VAL A 141 -4.70 -17.46 -0.32
C VAL A 141 -3.52 -17.83 -1.20
N ALA A 142 -3.23 -19.11 -1.30
CA ALA A 142 -2.23 -19.56 -2.26
C ALA A 142 -2.94 -19.64 -3.60
N VAL A 143 -2.55 -18.79 -4.54
CA VAL A 143 -3.15 -18.81 -5.87
C VAL A 143 -2.17 -19.44 -6.84
N LEU A 144 -2.44 -20.68 -7.23
CA LEU A 144 -1.53 -21.45 -8.05
C LEU A 144 -1.84 -21.30 -9.53
N VAL A 145 -0.96 -20.64 -10.27
CA VAL A 145 -1.20 -20.38 -11.67
C VAL A 145 -0.34 -21.24 -12.59
N SER A 146 -0.98 -21.85 -13.59
CA SER A 146 -0.24 -22.53 -14.64
C SER A 146 -1.04 -22.48 -15.94
N GLU A 147 -0.41 -22.87 -17.04
CA GLU A 147 -1.09 -22.90 -18.33
C GLU A 147 -2.20 -23.94 -18.32
N LYS A 148 -1.99 -25.00 -17.55
CA LYS A 148 -2.96 -26.09 -17.45
C LYS A 148 -4.12 -25.75 -16.51
N LEU A 149 -3.79 -25.26 -15.32
CA LEU A 149 -4.79 -25.05 -14.26
C LEU A 149 -4.57 -23.76 -13.47
N ARG A 150 -5.65 -23.27 -12.86
CA ARG A 150 -5.53 -22.28 -11.81
C ARG A 150 -6.35 -22.76 -10.61
N SER A 151 -5.82 -22.58 -9.41
CA SER A 151 -6.43 -23.16 -8.22
C SER A 151 -6.03 -22.40 -6.97
N MET A 152 -6.95 -22.30 -6.01
CA MET A 152 -6.71 -21.56 -4.78
C MET A 152 -6.81 -22.43 -3.53
N VAL A 153 -5.87 -22.22 -2.61
CA VAL A 153 -5.94 -22.83 -1.29
C VAL A 153 -5.94 -21.72 -0.24
N THR A 154 -7.03 -21.60 0.50
CA THR A 154 -7.23 -20.49 1.41
C THR A 154 -7.01 -20.85 2.87
N TYR A 155 -6.16 -20.09 3.54
CA TYR A 155 -6.00 -20.17 4.99
C TYR A 155 -6.65 -18.92 5.59
N LEU A 156 -7.83 -19.08 6.17
CA LEU A 156 -8.63 -17.95 6.61
C LEU A 156 -7.97 -17.12 7.71
N GLY A 157 -7.26 -17.80 8.61
CA GLY A 157 -6.52 -17.13 9.67
C GLY A 157 -7.34 -16.13 10.47
N ALA A 158 -6.86 -14.90 10.54
CA ALA A 158 -7.50 -13.86 11.34
C ALA A 158 -8.96 -13.59 10.96
N ALA A 159 -9.30 -13.81 9.69
CA ALA A 159 -10.66 -13.57 9.19
C ALA A 159 -11.76 -14.34 9.94
N CYS A 160 -11.38 -15.48 10.54
CA CYS A 160 -12.33 -16.28 11.32
C CYS A 160 -12.81 -15.58 12.58
N ASP A 161 -11.96 -14.71 13.13
CA ASP A 161 -12.26 -14.05 14.40
C ASP A 161 -13.27 -12.91 14.28
N LEU A 162 -13.73 -12.64 13.06
CA LEU A 162 -14.76 -11.62 12.87
C LEU A 162 -16.01 -12.00 13.66
N SER A 163 -16.43 -11.10 14.54
CA SER A 163 -17.50 -11.43 15.49
C SER A 163 -18.69 -10.48 15.42
N LEU A 164 -19.82 -10.96 15.90
CA LEU A 164 -21.02 -10.15 16.00
C LEU A 164 -20.78 -9.00 16.98
N ALA A 165 -19.94 -9.24 17.99
CA ALA A 165 -19.58 -8.22 18.97
C ALA A 165 -18.92 -7.01 18.32
N HIS A 166 -18.07 -7.25 17.34
CA HIS A 166 -17.36 -6.15 16.67
C HIS A 166 -18.30 -5.40 15.75
N ILE A 167 -19.16 -6.15 15.07
CA ILE A 167 -20.15 -5.60 14.15
C ILE A 167 -21.18 -4.75 14.89
N GLU A 168 -21.50 -5.14 16.12
CA GLU A 168 -22.56 -4.46 16.88
C GLU A 168 -22.09 -3.26 17.68
N GLN A 169 -20.80 -2.95 17.61
CA GLN A 169 -20.29 -1.72 18.21
C GLN A 169 -21.02 -0.54 17.56
N PRO A 170 -21.44 0.44 18.37
CA PRO A 170 -22.16 1.61 17.85
C PRO A 170 -21.49 2.26 16.64
N HIS A 171 -20.16 2.35 16.64
CA HIS A 171 -19.46 3.05 15.56
C HIS A 171 -19.31 2.20 14.30
N VAL A 172 -19.58 0.91 14.42
CA VAL A 172 -19.56 0.02 13.26
C VAL A 172 -20.97 -0.25 12.74
N TRP A 173 -21.90 -0.51 13.66
CA TRP A 173 -23.28 -0.75 13.27
C TRP A 173 -23.89 0.44 12.56
N SER A 174 -23.37 1.64 12.84
CA SER A 174 -23.85 2.85 12.18
C SER A 174 -23.53 2.86 10.68
N LEU A 175 -22.49 2.15 10.28
CA LEU A 175 -22.19 1.97 8.86
C LEU A 175 -23.23 1.09 8.19
N VAL A 176 -23.77 0.13 8.94
CA VAL A 176 -24.81 -0.75 8.41
C VAL A 176 -26.12 0.00 8.29
N GLU A 177 -26.44 0.80 9.31
CA GLU A 177 -27.69 1.55 9.33
C GLU A 177 -27.79 2.59 8.20
N LYS A 178 -26.67 3.22 7.85
CA LYS A 178 -26.67 4.26 6.82
C LYS A 178 -26.60 3.69 5.40
N ALA A 179 -26.24 2.42 5.27
CA ALA A 179 -26.16 1.80 3.94
C ALA A 179 -27.54 1.49 3.38
N GLN A 180 -27.65 1.57 2.06
CA GLN A 180 -28.90 1.21 1.38
C GLN A 180 -28.68 -0.05 0.56
N VAL A 181 -27.41 -0.39 0.39
CA VAL A 181 -27.00 -1.53 -0.43
C VAL A 181 -25.94 -2.36 0.31
N TYR A 182 -26.13 -3.68 0.32
CA TYR A 182 -25.14 -4.57 0.92
C TYR A 182 -24.62 -5.58 -0.09
N TYR A 183 -23.32 -5.88 0.01
CA TYR A 183 -22.74 -6.97 -0.73
C TYR A 183 -21.97 -7.88 0.23
N ILE A 184 -22.42 -9.12 0.37
CA ILE A 184 -21.67 -10.11 1.13
C ILE A 184 -21.54 -11.41 0.34
N ALA A 185 -20.31 -11.87 0.16
CA ALA A 185 -20.06 -13.13 -0.54
C ALA A 185 -20.39 -14.33 0.35
N GLY A 186 -20.71 -15.45 -0.28
CA GLY A 186 -21.02 -16.68 0.44
C GLY A 186 -19.87 -17.13 1.33
N PHE A 187 -18.65 -16.75 0.95
CA PHE A 187 -17.45 -17.10 1.71
C PHE A 187 -17.52 -16.74 3.19
N VAL A 188 -18.35 -15.76 3.53
CA VAL A 188 -18.43 -15.26 4.90
C VAL A 188 -19.24 -16.21 5.80
N ILE A 189 -19.96 -17.15 5.18
CA ILE A 189 -20.64 -18.20 5.91
C ILE A 189 -19.68 -18.94 6.84
N ASN A 190 -18.44 -19.14 6.37
CA ASN A 190 -17.43 -19.86 7.15
C ASN A 190 -16.83 -19.07 8.32
N THR A 191 -16.92 -17.75 8.26
CA THR A 191 -16.20 -16.92 9.22
C THR A 191 -17.12 -16.20 10.21
N CYS A 192 -18.25 -15.70 9.73
CA CYS A 192 -19.15 -14.97 10.61
C CYS A 192 -20.60 -15.00 10.12
N TYR A 193 -21.19 -16.19 10.11
CA TYR A 193 -22.55 -16.34 9.63
C TYR A 193 -23.54 -15.50 10.44
N GLU A 194 -23.30 -15.43 11.75
CA GLU A 194 -24.16 -14.68 12.66
C GLU A 194 -24.27 -13.20 12.27
N GLY A 195 -23.13 -12.60 11.93
CA GLY A 195 -23.10 -11.21 11.51
C GLY A 195 -23.79 -10.99 10.16
N MET A 196 -23.50 -11.85 9.19
CA MET A 196 -24.09 -11.66 7.87
C MET A 196 -25.60 -11.92 7.91
N LEU A 197 -26.02 -12.82 8.79
CA LEU A 197 -27.45 -13.09 8.96
C LEU A 197 -28.14 -11.88 9.59
N LYS A 198 -27.50 -11.30 10.59
CA LYS A 198 -28.04 -10.11 11.25
C LYS A 198 -28.21 -8.96 10.26
N ILE A 199 -27.18 -8.72 9.44
CA ILE A 199 -27.24 -7.65 8.45
C ILE A 199 -28.31 -7.94 7.40
N ALA A 200 -28.42 -9.19 6.98
CA ALA A 200 -29.43 -9.59 6.00
C ALA A 200 -30.85 -9.33 6.50
N LYS A 201 -31.11 -9.65 7.76
CA LYS A 201 -32.42 -9.38 8.36
C LYS A 201 -32.69 -7.87 8.45
N HIS A 202 -31.67 -7.10 8.79
CA HIS A 202 -31.80 -5.65 8.83
C HIS A 202 -32.18 -5.09 7.46
N SER A 203 -31.53 -5.61 6.42
CA SER A 203 -31.82 -5.18 5.05
C SER A 203 -33.27 -5.44 4.66
N LEU A 204 -33.73 -6.68 4.85
CA LEU A 204 -35.09 -7.06 4.46
C LEU A 204 -36.15 -6.27 5.22
N GLU A 205 -35.96 -6.11 6.52
CA GLU A 205 -36.93 -5.38 7.34
C GLU A 205 -36.99 -3.90 6.97
N ASN A 206 -35.90 -3.38 6.41
CA ASN A 206 -35.85 -1.98 6.01
C ASN A 206 -35.98 -1.77 4.49
N GLU A 207 -36.29 -2.85 3.77
CA GLU A 207 -36.47 -2.80 2.33
C GLU A 207 -35.26 -2.24 1.59
N LYS A 208 -34.08 -2.68 2.00
CA LYS A 208 -32.84 -2.28 1.36
C LYS A 208 -32.44 -3.31 0.32
N LEU A 209 -31.28 -3.11 -0.31
CA LEU A 209 -30.82 -4.00 -1.36
C LEU A 209 -29.68 -4.90 -0.88
N PHE A 210 -29.97 -6.19 -0.72
CA PHE A 210 -28.96 -7.14 -0.27
C PHE A 210 -28.49 -8.03 -1.42
N CYS A 211 -27.20 -7.98 -1.71
CA CYS A 211 -26.63 -8.74 -2.81
C CYS A 211 -25.73 -9.86 -2.30
N PHE A 212 -25.93 -11.06 -2.84
CA PHE A 212 -25.29 -12.26 -2.32
C PHE A 212 -24.61 -13.04 -3.44
N ASN A 213 -23.40 -13.53 -3.16
CA ASN A 213 -22.67 -14.33 -4.15
C ASN A 213 -22.53 -15.79 -3.68
N LEU A 214 -22.85 -16.73 -4.56
CA LEU A 214 -22.70 -18.15 -4.23
C LEU A 214 -21.22 -18.51 -3.96
N SER A 215 -20.32 -17.77 -4.60
CA SER A 215 -18.89 -17.77 -4.28
C SER A 215 -18.08 -19.02 -4.66
N ALA A 216 -18.56 -20.22 -4.29
CA ALA A 216 -17.83 -21.46 -4.54
C ALA A 216 -18.73 -22.69 -4.36
N PRO A 217 -18.49 -23.74 -5.16
CA PRO A 217 -19.31 -24.95 -5.09
C PRO A 217 -19.39 -25.58 -3.69
N PHE A 218 -18.30 -25.59 -2.93
CA PHE A 218 -18.30 -26.24 -1.62
C PHE A 218 -19.34 -25.64 -0.66
N LEU A 219 -19.64 -24.37 -0.84
CA LEU A 219 -20.64 -23.70 0.01
C LEU A 219 -22.04 -24.26 -0.19
N SER A 220 -22.44 -24.45 -1.45
CA SER A 220 -23.75 -25.03 -1.72
C SER A 220 -23.82 -26.50 -1.30
N GLN A 221 -22.68 -27.18 -1.31
CA GLN A 221 -22.63 -28.61 -0.97
C GLN A 221 -22.62 -28.85 0.53
N PHE A 222 -21.78 -28.12 1.25
CA PHE A 222 -21.58 -28.38 2.68
C PHE A 222 -22.21 -27.35 3.59
N ASN A 223 -22.65 -26.23 3.03
CA ASN A 223 -23.32 -25.20 3.79
C ASN A 223 -24.62 -24.81 3.14
N THR A 224 -25.34 -25.83 2.69
CA THR A 224 -26.57 -25.66 1.94
C THR A 224 -27.60 -24.86 2.75
N LYS A 225 -27.77 -25.21 4.02
CA LYS A 225 -28.70 -24.52 4.91
C LYS A 225 -28.43 -23.01 4.93
N GLU A 226 -27.16 -22.64 5.11
CA GLU A 226 -26.78 -21.23 5.19
C GLU A 226 -26.96 -20.49 3.85
N VAL A 227 -26.64 -21.17 2.75
CA VAL A 227 -26.80 -20.55 1.42
C VAL A 227 -28.27 -20.25 1.16
N ASP A 228 -29.13 -21.23 1.43
CA ASP A 228 -30.56 -21.06 1.17
C ASP A 228 -31.17 -20.02 2.10
N GLU A 229 -30.67 -19.96 3.33
CA GLU A 229 -31.18 -18.96 4.25
C GLU A 229 -30.80 -17.55 3.77
N MET A 230 -29.56 -17.39 3.33
CA MET A 230 -29.10 -16.12 2.79
C MET A 230 -29.89 -15.69 1.55
N ILE A 231 -30.13 -16.63 0.64
CA ILE A 231 -30.92 -16.36 -0.55
C ILE A 231 -32.29 -15.78 -0.16
N SER A 232 -32.85 -16.26 0.94
CA SER A 232 -34.19 -15.82 1.36
C SER A 232 -34.24 -14.36 1.83
N TYR A 233 -33.07 -13.73 2.00
CA TYR A 233 -33.01 -12.31 2.33
C TYR A 233 -32.38 -11.50 1.19
N SER A 234 -31.95 -12.20 0.13
CA SER A 234 -31.21 -11.55 -0.94
C SER A 234 -32.12 -11.03 -2.05
N ASN A 235 -31.90 -9.79 -2.45
CA ASN A 235 -32.63 -9.23 -3.59
C ASN A 235 -31.95 -9.57 -4.90
N ILE A 236 -30.64 -9.77 -4.84
CA ILE A 236 -29.86 -10.15 -6.03
C ILE A 236 -28.88 -11.27 -5.68
N VAL A 237 -28.84 -12.30 -6.50
CA VAL A 237 -27.92 -13.41 -6.30
C VAL A 237 -27.03 -13.61 -7.51
N PHE A 238 -25.72 -13.64 -7.28
CA PHE A 238 -24.73 -13.88 -8.31
C PHE A 238 -24.19 -15.30 -8.18
N GLY A 239 -23.90 -15.93 -9.32
CA GLY A 239 -23.29 -17.25 -9.31
C GLY A 239 -22.57 -17.50 -10.62
N ASN A 240 -21.76 -18.55 -10.65
CA ASN A 240 -21.20 -19.02 -11.92
C ASN A 240 -21.70 -20.43 -12.24
N GLU A 241 -21.27 -20.97 -13.38
CA GLU A 241 -21.76 -22.27 -13.84
C GLU A 241 -21.50 -23.43 -12.86
N SER A 242 -20.28 -23.52 -12.34
CA SER A 242 -19.94 -24.61 -11.42
C SER A 242 -20.71 -24.51 -10.09
N GLU A 243 -20.97 -23.29 -9.64
CA GLU A 243 -21.74 -23.10 -8.41
C GLU A 243 -23.21 -23.47 -8.62
N ALA A 244 -23.75 -23.11 -9.77
CA ALA A 244 -25.12 -23.44 -10.11
C ALA A 244 -25.27 -24.95 -10.22
N GLU A 245 -24.26 -25.59 -10.82
CA GLU A 245 -24.26 -27.05 -10.98
C GLU A 245 -24.25 -27.75 -9.63
N ALA A 246 -23.38 -27.30 -8.73
CA ALA A 246 -23.28 -27.91 -7.41
C ALA A 246 -24.55 -27.64 -6.60
N TYR A 247 -25.08 -26.43 -6.71
CA TYR A 247 -26.32 -26.06 -6.03
C TYR A 247 -27.46 -26.95 -6.52
N GLY A 248 -27.55 -27.09 -7.85
CA GLY A 248 -28.60 -27.86 -8.47
C GLY A 248 -28.59 -29.31 -8.03
N GLU A 249 -27.41 -29.93 -8.06
CA GLU A 249 -27.28 -31.33 -7.66
C GLU A 249 -27.76 -31.56 -6.23
N VAL A 250 -27.31 -30.69 -5.32
CA VAL A 250 -27.68 -30.80 -3.92
C VAL A 250 -29.20 -30.67 -3.72
N HIS A 251 -29.87 -29.98 -4.65
CA HIS A 251 -31.31 -29.80 -4.55
C HIS A 251 -32.13 -30.76 -5.39
N GLY A 252 -31.49 -31.76 -5.98
CA GLY A 252 -32.19 -32.74 -6.78
C GLY A 252 -32.64 -32.24 -8.15
N LEU A 253 -32.11 -31.11 -8.58
CA LEU A 253 -32.39 -30.59 -9.92
C LEU A 253 -31.55 -31.34 -10.96
N LEU A 254 -32.00 -32.55 -11.30
CA LEU A 254 -31.22 -33.47 -12.14
C LEU A 254 -31.04 -32.99 -13.58
N GLU A 255 -32.13 -32.64 -14.25
CA GLU A 255 -32.07 -32.22 -15.65
C GLU A 255 -32.05 -30.70 -15.76
N ASP A 256 -31.44 -30.21 -16.84
CA ASP A 256 -31.42 -28.78 -17.15
C ASP A 256 -30.86 -27.98 -15.96
N THR A 257 -29.84 -28.53 -15.33
CA THR A 257 -29.41 -28.11 -14.00
C THR A 257 -29.18 -26.60 -13.83
N VAL A 258 -28.45 -25.99 -14.75
CA VAL A 258 -28.09 -24.58 -14.60
C VAL A 258 -29.29 -23.64 -14.75
N HIS A 259 -30.11 -23.86 -15.77
CA HIS A 259 -31.37 -23.12 -15.93
C HIS A 259 -32.31 -23.39 -14.75
N ALA A 260 -32.45 -24.65 -14.37
CA ALA A 260 -33.31 -25.03 -13.26
C ALA A 260 -32.87 -24.36 -11.95
N THR A 261 -31.56 -24.26 -11.73
CA THR A 261 -31.03 -23.62 -10.54
C THR A 261 -31.39 -22.13 -10.52
N ALA A 262 -31.25 -21.48 -11.68
CA ALA A 262 -31.56 -20.06 -11.79
C ALA A 262 -33.02 -19.80 -11.44
N ARG A 263 -33.90 -20.65 -11.98
CA ARG A 263 -35.34 -20.58 -11.72
C ARG A 263 -35.64 -20.85 -10.24
N TYR A 264 -35.02 -21.89 -9.70
CA TYR A 264 -35.23 -22.29 -8.31
C TYR A 264 -34.82 -21.19 -7.33
N ILE A 265 -33.64 -20.63 -7.53
CA ILE A 265 -33.13 -19.57 -6.64
C ILE A 265 -33.99 -18.32 -6.72
N ALA A 266 -34.40 -17.96 -7.93
CA ALA A 266 -35.25 -16.80 -8.15
C ALA A 266 -36.60 -16.94 -7.45
N ASP A 267 -37.12 -18.17 -7.38
CA ASP A 267 -38.47 -18.39 -6.87
C ASP A 267 -38.55 -18.74 -5.39
N LEU A 268 -37.41 -18.92 -4.72
CA LEU A 268 -37.41 -19.22 -3.30
C LEU A 268 -38.12 -18.10 -2.56
N PRO A 269 -39.00 -18.46 -1.62
CA PRO A 269 -39.71 -17.43 -0.84
C PRO A 269 -38.73 -16.55 -0.08
N PHE A 270 -39.06 -15.28 0.10
CA PHE A 270 -38.31 -14.43 1.00
C PHE A 270 -38.68 -14.79 2.43
N ALA A 271 -37.80 -14.48 3.38
CA ALA A 271 -37.96 -14.91 4.76
C ALA A 271 -39.24 -14.44 5.43
N ASP A 272 -39.72 -13.25 5.08
CA ASP A 272 -40.96 -12.75 5.65
C ASP A 272 -42.19 -13.20 4.85
N GLY A 273 -41.95 -13.95 3.78
CA GLY A 273 -43.04 -14.47 2.96
C GLY A 273 -43.68 -13.42 2.10
N LYS A 274 -43.13 -12.20 2.12
CA LYS A 274 -43.65 -11.10 1.34
C LYS A 274 -43.33 -11.30 -0.14
N LYS A 275 -44.31 -11.00 -1.00
CA LYS A 275 -44.10 -11.06 -2.44
C LYS A 275 -43.13 -9.97 -2.86
N ARG A 276 -42.03 -10.37 -3.49
CA ARG A 276 -40.93 -9.46 -3.76
C ARG A 276 -40.12 -10.01 -4.93
N LYS A 277 -39.49 -9.11 -5.68
CA LYS A 277 -38.67 -9.50 -6.83
C LYS A 277 -37.22 -9.82 -6.43
N ARG A 278 -36.75 -11.00 -6.79
CA ARG A 278 -35.34 -11.32 -6.64
C ARG A 278 -34.70 -11.57 -8.00
N LEU A 279 -33.53 -10.96 -8.22
CA LEU A 279 -32.81 -11.09 -9.46
C LEU A 279 -31.68 -12.11 -9.34
N VAL A 280 -31.57 -13.01 -10.30
CA VAL A 280 -30.51 -14.02 -10.29
C VAL A 280 -29.69 -13.93 -11.56
N ILE A 281 -28.37 -13.89 -11.41
CA ILE A 281 -27.46 -13.77 -12.54
C ILE A 281 -26.40 -14.86 -12.46
N ILE A 282 -26.36 -15.72 -13.47
CA ILE A 282 -25.40 -16.81 -13.49
C ILE A 282 -24.44 -16.64 -14.65
N THR A 283 -23.17 -16.37 -14.35
CA THR A 283 -22.17 -16.22 -15.40
C THR A 283 -21.68 -17.59 -15.88
N ARG A 284 -21.20 -17.66 -17.12
CA ARG A 284 -20.82 -18.92 -17.73
C ARG A 284 -19.54 -18.82 -18.56
N GLY A 285 -18.55 -18.09 -18.03
CA GLY A 285 -17.30 -17.92 -18.73
C GLY A 285 -17.44 -17.15 -20.02
N LYS A 286 -16.93 -17.72 -21.12
CA LYS A 286 -17.01 -17.08 -22.43
C LYS A 286 -18.42 -17.21 -23.02
N ASN A 287 -19.17 -18.17 -22.51
CA ASN A 287 -20.52 -18.43 -22.98
C ASN A 287 -21.52 -17.41 -22.41
N PRO A 288 -22.68 -17.26 -23.06
CA PRO A 288 -23.68 -16.30 -22.57
C PRO A 288 -24.10 -16.53 -21.13
N LEU A 289 -24.14 -15.44 -20.37
CA LEU A 289 -24.59 -15.50 -18.98
C LEU A 289 -26.10 -15.60 -18.99
N LEU A 290 -26.65 -16.12 -17.91
CA LEU A 290 -28.10 -16.26 -17.76
C LEU A 290 -28.59 -15.30 -16.69
N TYR A 291 -29.77 -14.74 -16.89
CA TYR A 291 -30.42 -13.97 -15.85
C TYR A 291 -31.94 -14.15 -15.89
N THR A 292 -32.57 -14.02 -14.73
CA THR A 292 -34.02 -14.04 -14.62
C THR A 292 -34.37 -13.36 -13.31
N ASP A 293 -35.66 -13.18 -13.06
CA ASP A 293 -36.11 -12.76 -11.75
C ASP A 293 -37.43 -13.45 -11.41
N SER A 294 -37.86 -13.34 -10.15
CA SER A 294 -39.03 -14.07 -9.69
C SER A 294 -40.33 -13.74 -10.41
N SER A 295 -40.38 -12.57 -11.06
CA SER A 295 -41.56 -12.14 -11.81
C SER A 295 -41.48 -12.56 -13.28
N ASP A 296 -40.35 -13.15 -13.66
CA ASP A 296 -40.10 -13.49 -15.05
C ASP A 296 -40.24 -14.99 -15.26
N SER A 297 -41.05 -15.38 -16.24
CA SER A 297 -41.24 -16.80 -16.55
C SER A 297 -40.06 -17.35 -17.33
N GLU A 298 -39.31 -16.45 -17.98
CA GLU A 298 -38.25 -16.87 -18.89
C GLU A 298 -36.84 -16.62 -18.34
N ILE A 299 -35.90 -17.40 -18.87
CA ILE A 299 -34.49 -17.24 -18.54
C ILE A 299 -33.74 -16.71 -19.76
N HIS A 300 -33.13 -15.54 -19.62
CA HIS A 300 -32.51 -14.85 -20.74
C HIS A 300 -31.01 -15.13 -20.85
N GLN A 301 -30.52 -15.27 -22.08
CA GLN A 301 -29.10 -15.29 -22.34
C GLN A 301 -28.61 -13.89 -22.66
N PHE A 302 -27.37 -13.59 -22.26
CA PHE A 302 -26.75 -12.32 -22.58
C PHE A 302 -25.38 -12.63 -23.16
N MET A 303 -25.19 -12.29 -24.44
CA MET A 303 -23.95 -12.60 -25.12
C MET A 303 -22.77 -11.83 -24.52
N VAL A 304 -21.62 -12.49 -24.45
CA VAL A 304 -20.44 -11.91 -23.81
C VAL A 304 -19.30 -11.78 -24.83
N GLU A 305 -18.58 -10.66 -24.76
CA GLU A 305 -17.45 -10.39 -25.65
C GLU A 305 -16.42 -11.52 -25.66
N GLN A 306 -16.16 -12.05 -26.85
CA GLN A 306 -15.23 -13.16 -27.01
C GLN A 306 -13.79 -12.72 -26.84
N PHE A 307 -13.05 -13.45 -26.00
CA PHE A 307 -11.64 -13.18 -25.76
C PHE A 307 -10.74 -14.11 -26.55
N LYS A 308 -9.68 -13.56 -27.14
CA LYS A 308 -8.65 -14.37 -27.76
C LYS A 308 -7.82 -15.03 -26.66
N ASP A 309 -7.05 -16.06 -27.01
CA ASP A 309 -6.25 -16.77 -26.03
C ASP A 309 -5.12 -15.89 -25.46
N ASP A 310 -4.49 -15.11 -26.33
CA ASP A 310 -3.39 -14.25 -25.92
C ASP A 310 -3.83 -12.99 -25.17
N GLN A 311 -5.12 -12.71 -25.21
CA GLN A 311 -5.66 -11.54 -24.50
C GLN A 311 -5.75 -11.79 -22.99
N ILE A 312 -6.03 -13.04 -22.62
CA ILE A 312 -6.23 -13.40 -21.23
C ILE A 312 -4.94 -13.38 -20.41
N ILE A 313 -4.89 -12.50 -19.41
CA ILE A 313 -3.75 -12.41 -18.52
C ILE A 313 -3.98 -13.23 -17.24
N ASP A 314 -5.06 -12.92 -16.54
CA ASP A 314 -5.41 -13.61 -15.29
C ASP A 314 -6.89 -13.42 -14.97
N THR A 315 -7.67 -14.49 -15.07
CA THR A 315 -9.11 -14.43 -14.87
C THR A 315 -9.52 -14.49 -13.39
N ASN A 316 -8.54 -14.68 -12.51
CA ASN A 316 -8.79 -14.70 -11.08
C ASN A 316 -9.39 -13.38 -10.61
N GLY A 317 -10.58 -13.46 -10.03
CA GLY A 317 -11.25 -12.27 -9.51
C GLY A 317 -12.28 -11.67 -10.47
N ALA A 318 -12.37 -12.22 -11.67
CA ALA A 318 -13.30 -11.74 -12.68
C ALA A 318 -14.75 -11.70 -12.20
N GLY A 319 -15.15 -12.73 -11.47
CA GLY A 319 -16.48 -12.80 -10.89
C GLY A 319 -16.72 -11.70 -9.87
N ASP A 320 -15.70 -11.38 -9.08
CA ASP A 320 -15.79 -10.31 -8.10
C ASP A 320 -15.97 -8.97 -8.81
N ALA A 321 -15.22 -8.79 -9.89
CA ALA A 321 -15.30 -7.56 -10.68
C ALA A 321 -16.66 -7.46 -11.36
N PHE A 322 -17.12 -8.59 -11.90
CA PHE A 322 -18.42 -8.64 -12.54
C PHE A 322 -19.50 -8.10 -11.61
N ALA A 323 -19.50 -8.59 -10.38
CA ALA A 323 -20.48 -8.13 -9.38
C ALA A 323 -20.36 -6.63 -9.13
N ALA A 324 -19.13 -6.15 -8.95
CA ALA A 324 -18.88 -4.72 -8.76
C ALA A 324 -19.41 -3.88 -9.91
N GLY A 325 -19.05 -4.28 -11.13
CA GLY A 325 -19.47 -3.57 -12.32
C GLY A 325 -20.98 -3.51 -12.45
N PHE A 326 -21.64 -4.63 -12.15
CA PHE A 326 -23.10 -4.64 -12.22
C PHE A 326 -23.73 -3.71 -11.18
N ILE A 327 -23.35 -3.90 -9.92
CA ILE A 327 -23.97 -3.17 -8.82
C ILE A 327 -23.75 -1.66 -8.91
N ALA A 328 -22.53 -1.24 -9.22
CA ALA A 328 -22.19 0.17 -9.32
C ALA A 328 -23.11 0.90 -10.28
N ASP A 329 -23.46 0.25 -11.37
CA ASP A 329 -24.35 0.84 -12.38
C ASP A 329 -25.81 0.69 -11.99
N TYR A 330 -26.17 -0.49 -11.51
CA TYR A 330 -27.55 -0.81 -11.17
C TYR A 330 -28.10 0.08 -10.04
N ILE A 331 -27.28 0.38 -9.05
CA ILE A 331 -27.72 1.21 -7.93
C ILE A 331 -27.77 2.69 -8.28
N ARG A 332 -27.23 3.05 -9.44
CA ARG A 332 -27.33 4.42 -9.92
C ARG A 332 -28.43 4.58 -10.96
N GLY A 333 -29.27 3.55 -11.09
CA GLY A 333 -30.48 3.64 -11.89
C GLY A 333 -30.37 3.18 -13.34
N LYS A 334 -29.22 2.66 -13.73
CA LYS A 334 -29.04 2.16 -15.09
C LYS A 334 -29.86 0.87 -15.25
N PRO A 335 -30.55 0.72 -16.40
CA PRO A 335 -31.35 -0.48 -16.64
C PRO A 335 -30.53 -1.77 -16.67
N MET A 336 -31.24 -2.91 -16.63
CA MET A 336 -30.64 -4.23 -16.54
C MET A 336 -29.54 -4.50 -17.57
N ILE A 337 -29.84 -4.26 -18.84
CA ILE A 337 -28.90 -4.58 -19.92
C ILE A 337 -27.65 -3.71 -19.86
N THR A 338 -27.85 -2.41 -19.64
CA THR A 338 -26.75 -1.48 -19.47
C THR A 338 -25.83 -1.93 -18.33
N SER A 339 -26.45 -2.38 -17.24
CA SER A 339 -25.70 -2.83 -16.07
C SER A 339 -24.90 -4.10 -16.36
N LEU A 340 -25.48 -5.01 -17.15
CA LEU A 340 -24.79 -6.22 -17.56
C LEU A 340 -23.54 -5.91 -18.37
N HIS A 341 -23.66 -4.95 -19.29
CA HIS A 341 -22.49 -4.50 -20.05
C HIS A 341 -21.43 -3.88 -19.14
N ALA A 342 -21.86 -3.16 -18.12
CA ALA A 342 -20.95 -2.57 -17.16
C ALA A 342 -20.26 -3.65 -16.35
N ALA A 343 -20.96 -4.75 -16.10
CA ALA A 343 -20.43 -5.86 -15.34
C ALA A 343 -19.36 -6.60 -16.14
N VAL A 344 -19.66 -6.84 -17.43
CA VAL A 344 -18.71 -7.47 -18.35
C VAL A 344 -17.47 -6.61 -18.52
N LYS A 345 -17.67 -5.31 -18.63
CA LYS A 345 -16.55 -4.36 -18.73
C LYS A 345 -15.63 -4.47 -17.50
N ALA A 346 -16.23 -4.46 -16.31
CA ALA A 346 -15.47 -4.60 -15.08
C ALA A 346 -14.63 -5.87 -15.08
N ALA A 347 -15.26 -6.98 -15.45
CA ALA A 347 -14.60 -8.28 -15.45
C ALA A 347 -13.48 -8.33 -16.48
N ALA A 348 -13.75 -7.77 -17.66
CA ALA A 348 -12.76 -7.70 -18.75
C ALA A 348 -11.52 -6.90 -18.35
N TYR A 349 -11.73 -5.82 -17.60
CA TYR A 349 -10.62 -5.02 -17.11
C TYR A 349 -9.73 -5.85 -16.19
N ILE A 350 -10.34 -6.60 -15.30
CA ILE A 350 -9.61 -7.46 -14.36
C ILE A 350 -8.91 -8.64 -15.05
N ILE A 351 -9.59 -9.23 -16.03
CA ILE A 351 -9.05 -10.36 -16.80
C ILE A 351 -7.73 -10.00 -17.48
N CYS A 352 -7.61 -8.74 -17.89
CA CYS A 352 -6.41 -8.29 -18.58
C CYS A 352 -5.34 -7.78 -17.62
N ARG A 353 -5.53 -8.03 -16.33
CA ARG A 353 -4.57 -7.61 -15.30
C ARG A 353 -4.25 -8.74 -14.31
N SER A 354 -3.06 -8.67 -13.71
CA SER A 354 -2.60 -9.72 -12.81
C SER A 354 -3.14 -9.53 -11.39
N GLY A 355 -3.89 -10.52 -10.91
CA GLY A 355 -4.55 -10.42 -9.62
C GLY A 355 -5.64 -9.37 -9.64
N PHE A 356 -6.24 -9.10 -8.49
CA PHE A 356 -7.25 -8.04 -8.45
C PHE A 356 -6.58 -6.68 -8.33
N SER A 357 -6.01 -6.22 -9.43
CA SER A 357 -5.26 -4.98 -9.46
C SER A 357 -6.09 -3.87 -10.09
N LEU A 358 -6.34 -2.80 -9.34
CA LEU A 358 -7.04 -1.63 -9.86
C LEU A 358 -6.05 -0.50 -10.13
N GLY A 359 -5.84 -0.18 -11.40
CA GLY A 359 -4.91 0.87 -11.78
C GLY A 359 -5.49 2.26 -11.72
N SER A 360 -4.94 3.20 -12.49
CA SER A 360 -5.47 4.56 -12.46
C SER A 360 -6.85 4.59 -13.10
N ARG A 361 -7.77 5.28 -12.43
CA ARG A 361 -9.17 5.29 -12.80
C ARG A 361 -9.41 5.86 -14.19
N ASP A 362 -8.53 6.77 -14.61
CA ASP A 362 -8.60 7.40 -15.94
C ASP A 362 -8.43 6.41 -17.08
N SER A 363 -7.74 5.30 -16.82
CA SER A 363 -7.44 4.32 -17.87
C SER A 363 -8.47 3.20 -17.93
N TYR A 364 -9.58 3.37 -17.24
CA TYR A 364 -10.65 2.38 -17.23
C TYR A 364 -11.37 2.39 -18.59
N SER A 365 -11.27 3.52 -19.28
CA SER A 365 -11.98 3.74 -20.55
C SER A 365 -13.51 3.61 -20.39
N ASP B 21 1.99 26.89 -10.41
CA ASP B 21 1.92 25.42 -10.31
C ASP B 21 3.22 24.76 -10.76
N LEU B 22 3.43 23.53 -10.31
CA LEU B 22 4.59 22.75 -10.72
C LEU B 22 4.13 21.63 -11.64
N SER B 23 4.92 21.35 -12.67
CA SER B 23 4.61 20.27 -13.59
C SER B 23 4.82 18.91 -12.90
N GLU B 24 4.23 17.87 -13.48
CA GLU B 24 4.40 16.53 -12.95
C GLU B 24 5.86 16.09 -13.02
N GLY B 25 6.32 15.42 -11.97
CA GLY B 25 7.69 14.93 -11.92
C GLY B 25 8.71 16.04 -11.73
N TYR B 26 8.25 17.21 -11.28
CA TYR B 26 9.13 18.36 -11.04
C TYR B 26 10.23 18.06 -10.02
N VAL B 27 9.91 17.20 -9.06
CA VAL B 27 10.85 16.82 -8.00
C VAL B 27 11.20 15.35 -8.13
N PHE B 28 12.49 15.04 -8.03
CA PHE B 28 12.95 13.66 -8.15
C PHE B 28 13.82 13.28 -6.95
N GLY B 29 13.55 12.13 -6.38
CA GLY B 29 14.37 11.59 -5.31
C GLY B 29 14.87 10.20 -5.66
N MET B 30 16.09 9.89 -5.21
CA MET B 30 16.65 8.56 -5.36
C MET B 30 17.27 8.15 -4.04
N GLY B 31 17.01 6.92 -3.59
CA GLY B 31 17.55 6.49 -2.31
C GLY B 31 17.31 5.08 -1.86
N ASN B 32 17.42 4.87 -0.55
CA ASN B 32 17.26 3.56 0.07
C ASN B 32 15.85 3.39 0.66
N PRO B 33 14.98 2.68 -0.04
CA PRO B 33 13.64 2.41 0.50
C PRO B 33 13.71 1.31 1.58
N LEU B 34 13.41 1.68 2.81
CA LEU B 34 13.59 0.77 3.93
C LEU B 34 12.30 0.67 4.73
N LEU B 35 12.05 -0.50 5.30
CA LEU B 35 10.93 -0.66 6.22
C LEU B 35 11.38 -0.42 7.65
N ASP B 36 10.79 0.57 8.30
CA ASP B 36 11.08 0.81 9.73
C ASP B 36 10.24 -0.14 10.60
N ILE B 37 10.90 -0.87 11.48
CA ILE B 37 10.24 -1.76 12.40
C ILE B 37 10.29 -1.16 13.80
N ILE B 38 9.17 -0.58 14.23
CA ILE B 38 9.12 0.19 15.47
C ILE B 38 8.75 -0.68 16.66
N VAL B 39 9.57 -0.65 17.70
CA VAL B 39 9.30 -1.47 18.87
C VAL B 39 9.70 -0.75 20.17
N ASP B 40 8.93 -0.98 21.22
CA ASP B 40 9.30 -0.52 22.55
C ASP B 40 10.36 -1.47 23.09
N ALA B 41 11.56 -0.94 23.31
CA ALA B 41 12.70 -1.77 23.70
C ALA B 41 12.98 -1.71 25.18
N ASP B 42 13.30 -2.87 25.76
CA ASP B 42 13.75 -2.93 27.16
C ASP B 42 15.15 -2.34 27.27
N ASP B 43 15.51 -1.93 28.47
CA ASP B 43 16.79 -1.27 28.71
C ASP B 43 18.00 -2.14 28.34
N PHE B 44 17.88 -3.46 28.48
CA PHE B 44 19.01 -4.35 28.21
C PHE B 44 19.47 -4.30 26.76
N MET B 45 18.53 -4.02 25.85
CA MET B 45 18.81 -4.00 24.41
C MET B 45 19.90 -2.99 24.05
N TYR B 46 19.95 -1.87 24.74
CA TYR B 46 20.91 -0.81 24.42
C TYR B 46 22.32 -1.22 24.84
N ARG B 47 22.43 -1.91 25.96
CA ARG B 47 23.70 -2.45 26.44
C ARG B 47 24.15 -3.60 25.56
N LYS B 48 23.24 -4.51 25.27
CA LYS B 48 23.52 -5.71 24.51
C LYS B 48 24.06 -5.40 23.11
N TYR B 49 23.45 -4.43 22.44
CA TYR B 49 23.86 -4.08 21.08
C TYR B 49 24.71 -2.82 21.01
N ASN B 50 25.13 -2.34 22.19
CA ASN B 50 26.00 -1.17 22.29
C ASN B 50 25.46 0.02 21.48
N LEU B 51 24.21 0.38 21.74
CA LEU B 51 23.54 1.42 20.97
C LEU B 51 23.45 2.73 21.76
N LYS B 52 23.84 3.82 21.12
CA LYS B 52 23.78 5.14 21.76
C LYS B 52 22.37 5.69 21.73
N LYS B 53 22.22 6.91 22.24
CA LYS B 53 20.92 7.58 22.26
C LYS B 53 20.67 8.32 20.94
N ASP B 54 19.47 8.13 20.39
CA ASP B 54 19.02 8.89 19.23
C ASP B 54 19.98 8.79 18.04
N ASN B 55 20.54 7.60 17.83
CA ASN B 55 21.61 7.42 16.86
C ASN B 55 21.23 6.49 15.71
N ILE B 56 22.04 6.47 14.67
CA ILE B 56 21.86 5.53 13.56
C ILE B 56 23.17 4.80 13.26
N VAL B 57 23.07 3.49 13.08
CA VAL B 57 24.23 2.65 12.84
C VAL B 57 23.90 1.62 11.77
N LEU B 58 24.87 1.33 10.90
CA LEU B 58 24.73 0.26 9.93
C LEU B 58 25.03 -1.07 10.63
N ALA B 59 24.13 -2.03 10.45
CA ALA B 59 24.24 -3.32 11.13
C ALA B 59 25.54 -4.04 10.80
N GLU B 60 26.32 -4.34 11.84
CA GLU B 60 27.48 -5.20 11.70
C GLU B 60 27.03 -6.60 12.08
N GLU B 61 27.93 -7.58 12.01
CA GLU B 61 27.58 -8.95 12.33
C GLU B 61 27.08 -9.11 13.76
N LYS B 62 27.68 -8.38 14.69
CA LYS B 62 27.28 -8.44 16.10
C LYS B 62 25.85 -7.94 16.31
N HIS B 63 25.31 -7.20 15.35
CA HIS B 63 23.98 -6.62 15.47
C HIS B 63 22.87 -7.50 14.91
N MET B 64 23.25 -8.47 14.08
CA MET B 64 22.28 -9.20 13.24
C MET B 64 21.16 -9.91 14.00
N THR B 65 21.42 -10.34 15.22
CA THR B 65 20.40 -11.04 16.01
C THR B 65 19.25 -10.13 16.42
N ILE B 66 19.46 -8.81 16.32
CA ILE B 66 18.43 -7.85 16.75
C ILE B 66 17.12 -8.01 15.99
N TYR B 67 17.19 -8.40 14.72
CA TYR B 67 16.01 -8.44 13.87
C TYR B 67 15.07 -9.57 14.28
N ASP B 68 15.59 -10.78 14.44
CA ASP B 68 14.78 -11.89 14.95
C ASP B 68 14.27 -11.60 16.35
N GLU B 69 15.08 -10.91 17.14
CA GLU B 69 14.74 -10.66 18.54
C GLU B 69 13.50 -9.78 18.68
N ILE B 70 13.44 -8.70 17.89
CA ILE B 70 12.31 -7.79 18.00
C ILE B 70 11.04 -8.32 17.35
N GLN B 71 11.19 -9.17 16.34
CA GLN B 71 10.03 -9.70 15.61
C GLN B 71 9.14 -10.61 16.44
N LYS B 72 9.71 -11.18 17.50
CA LYS B 72 8.94 -12.07 18.36
C LYS B 72 8.19 -11.27 19.41
N LYS B 73 8.24 -9.95 19.29
CA LYS B 73 7.63 -9.07 20.28
C LYS B 73 6.23 -8.64 19.86
N LYS B 74 5.43 -8.25 20.85
CA LYS B 74 4.05 -7.86 20.62
C LYS B 74 3.93 -6.40 20.23
N LYS B 75 2.81 -6.05 19.61
CA LYS B 75 2.51 -4.67 19.23
C LYS B 75 3.62 -3.96 18.45
N LEU B 76 4.23 -4.67 17.51
CA LEU B 76 5.14 -4.05 16.57
C LEU B 76 4.39 -3.08 15.67
N ASN B 77 5.08 -2.07 15.15
CA ASN B 77 4.53 -1.23 14.10
C ASN B 77 5.47 -1.20 12.91
N TYR B 78 4.90 -1.10 11.71
CA TYR B 78 5.70 -1.12 10.49
C TYR B 78 5.45 0.14 9.68
N ILE B 79 6.49 0.92 9.44
CA ILE B 79 6.36 2.14 8.66
C ILE B 79 7.32 2.13 7.47
N ALA B 80 6.84 2.53 6.30
CA ALA B 80 7.71 2.75 5.15
C ALA B 80 8.66 3.91 5.48
N GLY B 81 9.94 3.70 5.28
CA GLY B 81 10.94 4.69 5.68
C GLY B 81 12.03 4.89 4.64
N GLY B 82 13.22 5.25 5.10
CA GLY B 82 14.28 5.67 4.21
C GLY B 82 14.32 7.20 4.17
N ALA B 83 15.50 7.76 4.38
CA ALA B 83 15.62 9.20 4.54
C ALA B 83 15.11 9.98 3.32
N THR B 84 15.62 9.64 2.15
CA THR B 84 15.22 10.34 0.92
C THR B 84 13.75 10.16 0.62
N LEU B 85 13.25 8.94 0.81
CA LEU B 85 11.84 8.66 0.56
C LEU B 85 10.96 9.47 1.48
N ASN B 86 11.34 9.58 2.76
CA ASN B 86 10.59 10.37 3.73
C ASN B 86 10.44 11.81 3.26
N THR B 87 11.55 12.41 2.86
CA THR B 87 11.57 13.79 2.41
C THR B 87 10.73 13.98 1.15
N VAL B 88 11.01 13.17 0.14
CA VAL B 88 10.31 13.28 -1.13
C VAL B 88 8.81 13.04 -0.98
N LYS B 89 8.42 12.02 -0.21
CA LYS B 89 7.01 11.76 -0.05
C LYS B 89 6.30 12.86 0.73
N MET B 90 7.00 13.52 1.64
CA MET B 90 6.39 14.63 2.37
C MET B 90 6.30 15.90 1.51
N ILE B 91 7.29 16.13 0.66
CA ILE B 91 7.21 17.19 -0.34
C ILE B 91 5.93 17.00 -1.15
N GLN B 92 5.76 15.77 -1.66
CA GLN B 92 4.58 15.41 -2.43
C GLN B 92 3.29 15.67 -1.64
N TRP B 93 3.29 15.25 -0.39
CA TRP B 93 2.15 15.40 0.49
C TRP B 93 1.80 16.88 0.78
N ILE B 94 2.82 17.71 0.96
CA ILE B 94 2.64 19.13 1.22
C ILE B 94 2.05 19.86 0.01
N ILE B 95 2.60 19.58 -1.16
CA ILE B 95 2.24 20.28 -2.38
C ILE B 95 0.83 19.89 -2.88
N GLN B 96 0.43 18.65 -2.60
CA GLN B 96 -0.92 18.14 -2.88
C GLN B 96 -1.21 17.74 -4.33
N LYS B 97 -0.60 18.43 -5.28
CA LYS B 97 -0.78 18.10 -6.70
C LYS B 97 -0.23 16.71 -7.00
N PRO B 98 -1.11 15.81 -7.49
CA PRO B 98 -0.69 14.42 -7.72
C PRO B 98 0.46 14.31 -8.72
N PHE B 99 1.42 13.44 -8.42
CA PHE B 99 2.52 13.06 -9.33
C PHE B 99 3.61 14.12 -9.51
N VAL B 100 3.64 15.14 -8.66
CA VAL B 100 4.69 16.15 -8.71
C VAL B 100 6.06 15.55 -8.39
N CYS B 101 6.07 14.54 -7.53
CA CYS B 101 7.31 13.90 -7.12
C CYS B 101 7.53 12.51 -7.71
N SER B 102 8.80 12.19 -7.93
CA SER B 102 9.22 10.88 -8.42
C SER B 102 10.27 10.32 -7.47
N TYR B 103 10.32 8.99 -7.36
CA TYR B 103 11.29 8.33 -6.48
C TYR B 103 11.81 7.03 -7.10
N VAL B 104 13.11 6.83 -7.01
CA VAL B 104 13.74 5.61 -7.50
C VAL B 104 14.54 4.97 -6.36
N GLY B 105 14.43 3.66 -6.21
CA GLY B 105 15.12 2.93 -5.16
C GLY B 105 14.97 1.43 -5.39
N CYS B 106 15.71 0.63 -4.62
CA CYS B 106 15.65 -0.82 -4.79
C CYS B 106 15.06 -1.54 -3.57
N ILE B 107 13.94 -2.21 -3.80
CA ILE B 107 13.28 -3.02 -2.78
C ILE B 107 13.50 -4.50 -3.12
N GLY B 108 13.04 -5.38 -2.23
CA GLY B 108 13.12 -6.81 -2.47
C GLY B 108 11.81 -7.34 -3.02
N ALA B 109 11.82 -8.58 -3.50
CA ALA B 109 10.58 -9.22 -3.95
C ALA B 109 9.89 -9.87 -2.77
N ASP B 110 9.38 -9.04 -1.86
CA ASP B 110 8.74 -9.53 -0.65
C ASP B 110 7.54 -8.66 -0.26
N ILE B 111 6.88 -9.05 0.83
CA ILE B 111 5.73 -8.31 1.32
C ILE B 111 6.13 -6.92 1.84
N GLN B 112 7.34 -6.80 2.38
CA GLN B 112 7.86 -5.52 2.85
C GLN B 112 8.01 -4.52 1.70
N GLY B 113 8.54 -4.99 0.57
CA GLY B 113 8.70 -4.16 -0.59
C GLY B 113 7.35 -3.73 -1.16
N LYS B 114 6.41 -4.67 -1.18
CA LYS B 114 5.05 -4.38 -1.66
C LYS B 114 4.38 -3.35 -0.76
N TYR B 115 4.68 -3.43 0.54
CA TYR B 115 4.13 -2.49 1.50
C TYR B 115 4.62 -1.07 1.23
N ILE B 116 5.91 -0.94 0.92
CA ILE B 116 6.50 0.37 0.65
C ILE B 116 5.97 0.93 -0.68
N LYS B 117 5.92 0.08 -1.69
CA LYS B 117 5.42 0.47 -3.01
C LYS B 117 3.98 0.96 -2.92
N ASN B 118 3.17 0.26 -2.13
CA ASN B 118 1.78 0.66 -1.93
C ASN B 118 1.67 2.00 -1.20
N ASP B 119 2.59 2.23 -0.26
CA ASP B 119 2.61 3.46 0.53
C ASP B 119 2.83 4.68 -0.37
N CYS B 120 3.68 4.51 -1.37
CA CYS B 120 3.98 5.61 -2.29
C CYS B 120 2.79 5.93 -3.18
N SER B 121 2.16 4.89 -3.73
CA SER B 121 0.98 5.04 -4.58
C SER B 121 -0.14 5.80 -3.89
N ALA B 122 -0.36 5.50 -2.61
CA ALA B 122 -1.40 6.16 -1.83
C ALA B 122 -1.15 7.66 -1.70
N LEU B 123 0.12 8.07 -1.76
CA LEU B 123 0.46 9.48 -1.66
C LEU B 123 0.54 10.16 -3.03
N ASP B 124 0.19 9.42 -4.08
CA ASP B 124 0.32 9.90 -5.46
C ASP B 124 1.76 10.24 -5.81
N LEU B 125 2.68 9.44 -5.31
CA LEU B 125 4.09 9.57 -5.66
C LEU B 125 4.36 8.62 -6.81
N VAL B 126 4.99 9.13 -7.87
CA VAL B 126 5.39 8.29 -8.98
C VAL B 126 6.67 7.54 -8.59
N THR B 127 6.72 6.24 -8.85
CA THR B 127 7.90 5.46 -8.50
C THR B 127 8.35 4.51 -9.62
N GLU B 128 9.65 4.29 -9.69
CA GLU B 128 10.21 3.24 -10.51
C GLU B 128 11.18 2.43 -9.66
N PHE B 129 10.65 1.49 -8.90
CA PHE B 129 11.47 0.64 -8.05
C PHE B 129 12.26 -0.39 -8.84
N GLN B 130 13.48 -0.65 -8.38
CA GLN B 130 14.24 -1.79 -8.86
C GLN B 130 13.96 -2.94 -7.91
N ILE B 131 13.82 -4.15 -8.45
CA ILE B 131 13.60 -5.32 -7.61
C ILE B 131 14.87 -6.15 -7.56
N ALA B 132 15.44 -6.29 -6.36
CA ALA B 132 16.65 -7.08 -6.20
C ALA B 132 16.39 -8.55 -6.50
N GLU B 133 17.40 -9.24 -7.01
CA GLU B 133 17.28 -10.67 -7.27
C GLU B 133 17.12 -11.42 -5.95
N GLU B 134 16.21 -12.38 -5.93
CA GLU B 134 16.00 -13.25 -4.77
C GLU B 134 17.30 -13.95 -4.41
N PRO B 135 17.49 -14.30 -3.12
CA PRO B 135 16.56 -14.04 -2.03
C PRO B 135 16.89 -12.77 -1.24
N LEU B 136 17.52 -11.80 -1.89
CA LEU B 136 17.86 -10.55 -1.22
C LEU B 136 16.60 -9.79 -0.85
N MET B 137 16.43 -9.51 0.44
CA MET B 137 15.17 -8.95 0.93
C MET B 137 15.20 -7.43 1.09
N THR B 138 14.01 -6.83 1.11
CA THR B 138 13.86 -5.40 1.34
C THR B 138 14.56 -5.01 2.63
N GLY B 139 15.37 -3.96 2.54
CA GLY B 139 16.10 -3.46 3.69
C GLY B 139 15.17 -3.03 4.81
N LYS B 140 15.69 -3.01 6.02
CA LYS B 140 14.87 -2.71 7.19
C LYS B 140 15.67 -1.96 8.24
N VAL B 141 14.95 -1.28 9.13
CA VAL B 141 15.59 -0.56 10.22
C VAL B 141 14.92 -0.96 11.52
N ALA B 142 15.72 -1.49 12.44
CA ALA B 142 15.24 -1.72 13.79
C ALA B 142 15.19 -0.40 14.51
N VAL B 143 13.99 0.08 14.81
CA VAL B 143 13.85 1.34 15.54
C VAL B 143 13.48 1.06 17.00
N LEU B 144 14.47 1.17 17.87
CA LEU B 144 14.26 0.94 19.30
C LEU B 144 13.78 2.22 19.98
N VAL B 145 12.59 2.16 20.57
CA VAL B 145 11.99 3.32 21.20
C VAL B 145 11.94 3.16 22.72
N SER B 146 12.53 4.13 23.42
CA SER B 146 12.58 4.10 24.88
C SER B 146 12.22 5.48 25.45
N LEU B 149 12.56 9.00 23.09
CA LEU B 149 13.78 8.96 22.28
C LEU B 149 13.75 7.82 21.29
N ARG B 150 14.93 7.46 20.77
CA ARG B 150 15.05 6.43 19.74
C ARG B 150 16.46 5.85 19.66
N SER B 151 16.62 4.89 18.75
CA SER B 151 17.92 4.33 18.37
C SER B 151 17.70 3.38 17.20
N MET B 152 18.47 3.56 16.12
CA MET B 152 18.22 2.82 14.88
C MET B 152 19.39 1.93 14.45
N VAL B 153 19.07 0.70 14.09
CA VAL B 153 20.04 -0.22 13.51
C VAL B 153 19.56 -0.60 12.12
N THR B 154 20.37 -0.29 11.11
CA THR B 154 19.92 -0.39 9.72
C THR B 154 20.55 -1.55 8.96
N TYR B 155 19.71 -2.37 8.34
CA TYR B 155 20.15 -3.40 7.43
C TYR B 155 19.69 -3.04 6.02
N LEU B 156 20.64 -2.63 5.18
CA LEU B 156 20.30 -2.06 3.89
C LEU B 156 19.67 -3.07 2.93
N GLY B 157 20.14 -4.32 2.98
CA GLY B 157 19.63 -5.38 2.12
C GLY B 157 19.52 -4.99 0.65
N ALA B 158 18.32 -5.14 0.10
CA ALA B 158 18.06 -4.88 -1.32
C ALA B 158 18.45 -3.48 -1.77
N ALA B 159 18.45 -2.52 -0.85
CA ALA B 159 18.74 -1.13 -1.22
C ALA B 159 20.13 -1.01 -1.85
N CYS B 160 21.01 -1.93 -1.48
CA CYS B 160 22.37 -1.98 -2.03
C CYS B 160 22.42 -2.32 -3.52
N ASP B 161 21.43 -3.07 -4.00
CA ASP B 161 21.45 -3.52 -5.39
C ASP B 161 21.03 -2.43 -6.38
N LEU B 162 20.66 -1.26 -5.88
CA LEU B 162 20.37 -0.13 -6.74
C LEU B 162 21.57 0.16 -7.66
N SER B 163 21.33 0.20 -8.96
CA SER B 163 22.43 0.28 -9.92
C SER B 163 22.26 1.36 -10.98
N LEU B 164 23.38 1.71 -11.61
CA LEU B 164 23.39 2.69 -12.70
C LEU B 164 22.56 2.20 -13.88
N ALA B 165 22.58 0.89 -14.10
CA ALA B 165 21.83 0.29 -15.20
C ALA B 165 20.32 0.52 -15.08
N HIS B 166 19.78 0.45 -13.86
CA HIS B 166 18.36 0.69 -13.64
C HIS B 166 18.02 2.15 -13.90
N ILE B 167 18.93 3.03 -13.49
CA ILE B 167 18.74 4.47 -13.65
C ILE B 167 18.81 4.87 -15.13
N GLU B 168 19.66 4.19 -15.88
CA GLU B 168 19.92 4.55 -17.27
C GLU B 168 18.85 4.03 -18.24
N GLN B 169 17.94 3.20 -17.75
CA GLN B 169 16.80 2.77 -18.54
C GLN B 169 16.02 4.01 -18.99
N PRO B 170 15.62 4.05 -20.26
CA PRO B 170 14.89 5.18 -20.84
C PRO B 170 13.68 5.61 -20.01
N HIS B 171 12.89 4.66 -19.52
CA HIS B 171 11.66 4.98 -18.78
C HIS B 171 11.95 5.45 -17.36
N VAL B 172 13.17 5.21 -16.90
CA VAL B 172 13.59 5.69 -15.58
C VAL B 172 14.34 7.01 -15.70
N TRP B 173 15.28 7.07 -16.65
CA TRP B 173 16.04 8.30 -16.86
C TRP B 173 15.14 9.47 -17.28
N SER B 174 14.06 9.14 -17.97
CA SER B 174 13.03 10.14 -18.32
C SER B 174 12.49 10.89 -17.10
N LEU B 175 12.41 10.21 -15.95
CA LEU B 175 11.98 10.85 -14.71
C LEU B 175 13.02 11.85 -14.21
N VAL B 176 14.29 11.58 -14.48
CA VAL B 176 15.37 12.48 -14.12
C VAL B 176 15.35 13.73 -14.99
N GLU B 177 15.13 13.54 -16.29
CA GLU B 177 15.14 14.64 -17.25
C GLU B 177 13.99 15.63 -17.09
N LYS B 178 12.82 15.15 -16.69
CA LYS B 178 11.67 16.04 -16.52
C LYS B 178 11.73 16.81 -15.20
N ALA B 179 12.49 16.30 -14.24
CA ALA B 179 12.59 16.96 -12.93
C ALA B 179 13.46 18.22 -12.98
N GLN B 180 13.13 19.21 -12.17
CA GLN B 180 13.93 20.43 -12.08
C GLN B 180 14.56 20.56 -10.70
N VAL B 181 14.12 19.69 -9.78
CA VAL B 181 14.60 19.69 -8.40
C VAL B 181 14.94 18.26 -7.98
N TYR B 182 16.11 18.09 -7.40
CA TYR B 182 16.54 16.77 -6.92
C TYR B 182 16.80 16.80 -5.41
N TYR B 183 16.46 15.70 -4.75
CA TYR B 183 16.85 15.49 -3.37
C TYR B 183 17.44 14.08 -3.23
N ILE B 184 18.66 13.99 -2.73
CA ILE B 184 19.30 12.71 -2.47
C ILE B 184 20.06 12.78 -1.15
N ALA B 185 19.75 11.88 -0.23
CA ALA B 185 20.45 11.83 1.06
C ALA B 185 21.86 11.28 0.89
N GLY B 186 22.77 11.73 1.76
CA GLY B 186 24.13 11.23 1.76
C GLY B 186 24.22 9.73 1.96
N PHE B 187 23.19 9.14 2.57
CA PHE B 187 23.13 7.68 2.77
C PHE B 187 23.27 6.90 1.46
N VAL B 188 22.92 7.54 0.34
CA VAL B 188 22.91 6.87 -0.95
C VAL B 188 24.33 6.65 -1.47
N ILE B 189 25.30 7.30 -0.83
CA ILE B 189 26.70 7.07 -1.14
C ILE B 189 27.11 5.60 -0.97
N ASN B 190 26.57 4.93 0.05
CA ASN B 190 26.89 3.52 0.31
C ASN B 190 26.23 2.51 -0.62
N THR B 191 25.17 2.91 -1.31
CA THR B 191 24.39 1.95 -2.10
C THR B 191 24.52 2.14 -3.62
N CYS B 192 24.61 3.39 -4.07
CA CYS B 192 24.75 3.68 -5.49
C CYS B 192 25.34 5.06 -5.74
N TYR B 193 26.63 5.20 -5.47
CA TYR B 193 27.29 6.49 -5.65
C TYR B 193 27.37 6.87 -7.13
N GLU B 194 27.68 5.89 -7.97
CA GLU B 194 27.75 6.11 -9.41
C GLU B 194 26.45 6.73 -9.93
N GLY B 195 25.32 6.25 -9.41
CA GLY B 195 24.02 6.74 -9.82
C GLY B 195 23.71 8.15 -9.39
N MET B 196 23.96 8.48 -8.13
CA MET B 196 23.69 9.82 -7.62
C MET B 196 24.65 10.84 -8.22
N LEU B 197 25.85 10.41 -8.55
CA LEU B 197 26.82 11.28 -9.18
C LEU B 197 26.36 11.68 -10.59
N LYS B 198 25.81 10.70 -11.32
CA LYS B 198 25.35 10.95 -12.69
C LYS B 198 24.19 11.92 -12.70
N ILE B 199 23.32 11.81 -11.71
CA ILE B 199 22.20 12.73 -11.57
C ILE B 199 22.69 14.15 -11.21
N ALA B 200 23.66 14.22 -10.31
CA ALA B 200 24.20 15.49 -9.88
C ALA B 200 24.85 16.24 -11.04
N LYS B 201 25.64 15.52 -11.84
CA LYS B 201 26.27 16.10 -13.02
C LYS B 201 25.22 16.61 -14.01
N HIS B 202 24.14 15.85 -14.15
CA HIS B 202 23.05 16.24 -15.04
C HIS B 202 22.34 17.49 -14.54
N SER B 203 22.14 17.56 -13.22
CA SER B 203 21.49 18.70 -12.60
C SER B 203 22.25 20.00 -12.84
N LEU B 204 23.55 19.99 -12.58
CA LEU B 204 24.39 21.18 -12.70
C LEU B 204 24.44 21.66 -14.14
N GLU B 205 24.62 20.73 -15.07
CA GLU B 205 24.67 21.03 -16.50
C GLU B 205 23.39 21.70 -16.98
N ASN B 206 22.25 21.31 -16.43
CA ASN B 206 20.97 21.90 -16.84
C ASN B 206 20.46 22.98 -15.89
N GLU B 207 21.33 23.44 -15.00
CA GLU B 207 20.99 24.51 -14.05
C GLU B 207 19.76 24.18 -13.23
N LYS B 208 19.67 22.93 -12.79
CA LYS B 208 18.58 22.50 -11.94
C LYS B 208 18.97 22.68 -10.48
N LEU B 209 18.05 22.38 -9.57
CA LEU B 209 18.29 22.57 -8.14
C LEU B 209 18.59 21.24 -7.47
N PHE B 210 19.84 21.01 -7.10
CA PHE B 210 20.22 19.76 -6.44
C PHE B 210 20.37 19.95 -4.93
N CYS B 211 19.57 19.20 -4.17
CA CYS B 211 19.58 19.29 -2.72
C CYS B 211 20.22 18.05 -2.09
N PHE B 212 21.20 18.26 -1.22
CA PHE B 212 21.99 17.19 -0.63
C PHE B 212 21.93 17.23 0.90
N ASN B 213 21.90 16.06 1.53
CA ASN B 213 21.90 15.98 3.00
C ASN B 213 23.14 15.23 3.49
N LEU B 214 23.83 15.79 4.48
CA LEU B 214 25.00 15.12 5.06
C LEU B 214 24.64 13.78 5.72
N SER B 215 23.39 13.66 6.18
CA SER B 215 22.79 12.38 6.62
C SER B 215 23.34 11.78 7.91
N ALA B 216 24.64 11.53 7.97
CA ALA B 216 25.21 10.94 9.17
C ALA B 216 26.70 11.26 9.27
N PRO B 217 27.20 11.44 10.51
CA PRO B 217 28.61 11.75 10.75
C PRO B 217 29.58 10.78 10.07
N PHE B 218 29.26 9.49 10.04
CA PHE B 218 30.20 8.50 9.49
C PHE B 218 30.49 8.68 8.00
N LEU B 219 29.53 9.26 7.26
CA LEU B 219 29.73 9.49 5.82
C LEU B 219 30.82 10.53 5.57
N SER B 220 30.85 11.58 6.40
CA SER B 220 31.88 12.60 6.29
C SER B 220 33.24 12.05 6.69
N GLN B 221 33.24 11.10 7.63
CA GLN B 221 34.50 10.57 8.16
C GLN B 221 35.11 9.49 7.27
N PHE B 222 34.27 8.65 6.68
CA PHE B 222 34.77 7.48 5.94
C PHE B 222 34.47 7.54 4.43
N ASN B 223 33.72 8.55 4.00
CA ASN B 223 33.45 8.76 2.58
C ASN B 223 33.63 10.23 2.22
N THR B 224 34.67 10.84 2.79
CA THR B 224 34.91 12.27 2.66
C THR B 224 34.98 12.75 1.22
N LYS B 225 35.70 12.00 0.39
CA LYS B 225 35.83 12.34 -1.02
C LYS B 225 34.48 12.41 -1.72
N GLU B 226 33.62 11.43 -1.46
CA GLU B 226 32.31 11.37 -2.09
C GLU B 226 31.41 12.51 -1.63
N VAL B 227 31.44 12.80 -0.33
CA VAL B 227 30.67 13.90 0.23
C VAL B 227 31.06 15.24 -0.40
N ASP B 228 32.36 15.50 -0.47
CA ASP B 228 32.83 16.77 -1.04
C ASP B 228 32.54 16.85 -2.55
N GLU B 229 32.68 15.74 -3.26
CA GLU B 229 32.32 15.72 -4.67
C GLU B 229 30.85 16.07 -4.86
N MET B 230 29.97 15.44 -4.08
CA MET B 230 28.54 15.73 -4.15
C MET B 230 28.25 17.19 -3.81
N ILE B 231 28.98 17.74 -2.86
CA ILE B 231 28.77 19.14 -2.47
C ILE B 231 29.08 20.05 -3.65
N SER B 232 30.14 19.73 -4.39
CA SER B 232 30.52 20.50 -5.57
C SER B 232 29.43 20.59 -6.65
N TYR B 233 28.41 19.73 -6.55
CA TYR B 233 27.29 19.75 -7.49
C TYR B 233 25.98 20.22 -6.85
N SER B 234 26.02 20.53 -5.56
CA SER B 234 24.79 20.81 -4.81
C SER B 234 24.49 22.30 -4.70
N ASN B 235 23.24 22.67 -4.94
CA ASN B 235 22.79 24.03 -4.76
C ASN B 235 22.37 24.29 -3.31
N ILE B 236 21.89 23.23 -2.65
CA ILE B 236 21.49 23.31 -1.24
C ILE B 236 22.06 22.14 -0.46
N VAL B 237 22.74 22.43 0.65
CA VAL B 237 23.22 21.37 1.53
C VAL B 237 22.59 21.50 2.91
N PHE B 238 21.98 20.40 3.36
CA PHE B 238 21.42 20.30 4.70
C PHE B 238 22.37 19.49 5.58
N GLY B 239 22.49 19.92 6.84
CA GLY B 239 23.27 19.17 7.81
C GLY B 239 22.74 19.40 9.20
N ASN B 240 23.20 18.58 10.14
CA ASN B 240 22.95 18.87 11.56
C ASN B 240 24.27 19.13 12.27
N GLU B 241 24.19 19.45 13.56
CA GLU B 241 25.38 19.81 14.32
C GLU B 241 26.40 18.68 14.37
N SER B 242 25.95 17.47 14.70
CA SER B 242 26.88 16.34 14.85
C SER B 242 27.55 15.96 13.52
N GLU B 243 26.83 16.14 12.41
CA GLU B 243 27.41 15.95 11.09
C GLU B 243 28.41 17.07 10.79
N ALA B 244 28.05 18.29 11.16
CA ALA B 244 28.90 19.45 10.90
C ALA B 244 30.19 19.36 11.70
N GLU B 245 30.11 18.92 12.95
CA GLU B 245 31.29 18.71 13.77
C GLU B 245 32.21 17.63 13.19
N ALA B 246 31.61 16.55 12.70
CA ALA B 246 32.39 15.46 12.11
C ALA B 246 33.07 15.93 10.82
N TYR B 247 32.33 16.66 10.00
CA TYR B 247 32.87 17.18 8.75
C TYR B 247 34.05 18.11 9.01
N GLY B 248 33.88 19.02 9.95
CA GLY B 248 34.91 20.00 10.28
C GLY B 248 36.20 19.40 10.80
N GLU B 249 36.08 18.39 11.67
CA GLU B 249 37.25 17.73 12.24
C GLU B 249 38.07 17.04 11.16
N VAL B 250 37.38 16.42 10.22
CA VAL B 250 38.01 15.73 9.10
C VAL B 250 38.70 16.72 8.14
N HIS B 251 38.18 17.94 8.08
CA HIS B 251 38.79 18.97 7.24
C HIS B 251 39.72 19.90 8.00
N GLY B 252 39.99 19.58 9.26
CA GLY B 252 40.93 20.34 10.06
C GLY B 252 40.43 21.72 10.49
N LEU B 253 39.11 21.86 10.56
CA LEU B 253 38.50 23.10 11.03
C LEU B 253 38.30 23.03 12.53
N LEU B 254 39.38 23.13 13.29
CA LEU B 254 39.32 22.88 14.73
C LEU B 254 38.77 24.05 15.55
N GLU B 255 38.83 25.25 14.99
CA GLU B 255 38.34 26.44 15.67
C GLU B 255 36.95 26.84 15.15
N ASP B 256 36.00 27.03 16.08
CA ASP B 256 34.60 27.28 15.75
C ASP B 256 34.11 26.34 14.66
N THR B 257 34.26 25.04 14.91
CA THR B 257 34.10 24.02 13.90
C THR B 257 32.80 24.10 13.09
N VAL B 258 31.67 24.25 13.79
CA VAL B 258 30.37 24.24 13.14
C VAL B 258 30.19 25.43 12.20
N HIS B 259 30.48 26.63 12.70
CA HIS B 259 30.45 27.83 11.87
C HIS B 259 31.45 27.73 10.72
N ALA B 260 32.66 27.30 11.04
CA ALA B 260 33.70 27.11 10.04
C ALA B 260 33.29 26.10 8.97
N THR B 261 32.54 25.08 9.37
CA THR B 261 32.08 24.06 8.43
C THR B 261 31.04 24.61 7.47
N ALA B 262 30.08 25.36 8.02
CA ALA B 262 29.04 25.96 7.19
C ALA B 262 29.67 26.90 6.16
N ARG B 263 30.70 27.65 6.58
CA ARG B 263 31.43 28.54 5.70
C ARG B 263 32.15 27.76 4.60
N TYR B 264 32.88 26.73 5.00
CA TYR B 264 33.65 25.90 4.09
C TYR B 264 32.79 25.26 3.01
N ILE B 265 31.67 24.70 3.41
CA ILE B 265 30.78 24.01 2.48
C ILE B 265 30.16 25.01 1.50
N ALA B 266 29.77 26.18 2.01
CA ALA B 266 29.19 27.22 1.17
C ALA B 266 30.17 27.67 0.08
N ASP B 267 31.45 27.74 0.41
CA ASP B 267 32.43 28.34 -0.48
C ASP B 267 33.21 27.36 -1.36
N LEU B 268 32.93 26.06 -1.24
CA LEU B 268 33.58 25.09 -2.12
C LEU B 268 33.24 25.42 -3.55
N PRO B 269 34.23 25.34 -4.45
CA PRO B 269 33.92 25.61 -5.85
C PRO B 269 32.91 24.63 -6.44
N PHE B 270 32.04 25.12 -7.32
CA PHE B 270 31.16 24.23 -8.08
C PHE B 270 32.00 23.50 -9.11
N ALA B 271 31.58 22.29 -9.46
CA ALA B 271 32.39 21.41 -10.31
C ALA B 271 32.70 22.01 -11.68
N ASP B 272 31.78 22.79 -12.23
CA ASP B 272 31.97 23.39 -13.55
C ASP B 272 32.62 24.78 -13.48
N GLY B 273 33.03 25.19 -12.28
CA GLY B 273 33.73 26.45 -12.09
C GLY B 273 32.88 27.69 -12.22
N LYS B 274 31.59 27.51 -12.47
CA LYS B 274 30.68 28.65 -12.62
C LYS B 274 30.26 29.19 -11.26
N LYS B 275 30.06 30.50 -11.18
CA LYS B 275 29.72 31.15 -9.93
C LYS B 275 28.24 31.03 -9.62
N ARG B 276 27.90 30.36 -8.53
CA ARG B 276 26.51 30.19 -8.11
C ARG B 276 26.38 30.40 -6.63
N LYS B 277 25.14 30.59 -6.17
CA LYS B 277 24.87 30.61 -4.74
C LYS B 277 24.60 29.21 -4.26
N ARG B 278 25.47 28.68 -3.40
CA ARG B 278 25.14 27.46 -2.68
C ARG B 278 24.63 27.81 -1.30
N LEU B 279 23.45 27.30 -0.97
CA LEU B 279 22.86 27.51 0.33
C LEU B 279 23.23 26.36 1.28
N VAL B 280 23.65 26.73 2.50
CA VAL B 280 23.99 25.73 3.50
C VAL B 280 23.19 25.99 4.76
N ILE B 281 22.49 24.97 5.24
CA ILE B 281 21.66 25.06 6.43
C ILE B 281 22.05 23.98 7.43
N ILE B 282 22.43 24.39 8.65
CA ILE B 282 22.84 23.47 9.69
C ILE B 282 21.92 23.58 10.91
N THR B 283 21.11 22.56 11.16
CA THR B 283 20.24 22.55 12.31
C THR B 283 21.02 22.18 13.58
N ARG B 284 20.60 22.72 14.73
CA ARG B 284 21.29 22.45 15.99
C ARG B 284 20.30 22.11 17.10
N GLY B 285 19.40 21.17 16.80
CA GLY B 285 18.44 20.71 17.79
C GLY B 285 17.46 21.79 18.18
N LYS B 286 17.31 21.97 19.49
CA LYS B 286 16.41 22.99 20.01
C LYS B 286 17.04 24.38 19.93
N ASN B 287 18.34 24.42 19.69
CA ASN B 287 19.07 25.67 19.58
C ASN B 287 18.93 26.25 18.16
N PRO B 288 19.19 27.56 17.99
CA PRO B 288 19.01 28.18 16.67
C PRO B 288 19.84 27.50 15.58
N LEU B 289 19.22 27.31 14.42
CA LEU B 289 19.96 26.77 13.28
C LEU B 289 20.82 27.83 12.65
N LEU B 290 21.78 27.40 11.86
CA LEU B 290 22.66 28.30 11.14
C LEU B 290 22.32 28.18 9.67
N TYR B 291 22.49 29.29 8.94
CA TYR B 291 22.36 29.24 7.49
C TYR B 291 23.19 30.34 6.85
N THR B 292 23.78 30.01 5.70
CA THR B 292 24.55 30.96 4.95
C THR B 292 24.57 30.55 3.49
N ASP B 293 25.18 31.38 2.65
CA ASP B 293 25.39 31.01 1.26
C ASP B 293 26.72 31.57 0.76
N SER B 294 27.19 31.05 -0.36
CA SER B 294 28.50 31.43 -0.91
C SER B 294 28.66 32.92 -1.19
N SER B 295 27.56 33.64 -1.36
CA SER B 295 27.61 35.10 -1.57
C SER B 295 27.59 35.88 -0.27
N ASP B 296 27.29 35.19 0.83
CA ASP B 296 27.13 35.85 2.12
C ASP B 296 28.39 35.67 2.99
N SER B 297 28.93 36.79 3.46
CA SER B 297 30.10 36.76 4.34
C SER B 297 29.71 36.46 5.79
N GLU B 298 28.40 36.44 6.06
CA GLU B 298 27.91 36.18 7.40
C GLU B 298 27.18 34.85 7.53
N ILE B 299 27.21 34.30 8.74
CA ILE B 299 26.43 33.13 9.06
C ILE B 299 25.30 33.54 9.99
N HIS B 300 24.07 33.20 9.64
CA HIS B 300 22.91 33.70 10.37
C HIS B 300 22.32 32.66 11.32
N GLN B 301 21.83 33.12 12.46
CA GLN B 301 21.10 32.28 13.38
C GLN B 301 19.60 32.42 13.15
N PHE B 302 18.87 31.33 13.36
CA PHE B 302 17.44 31.35 13.15
C PHE B 302 16.80 30.58 14.29
N MET B 303 16.14 31.31 15.18
CA MET B 303 15.49 30.72 16.35
C MET B 303 14.48 29.67 15.94
N VAL B 304 14.43 28.58 16.71
CA VAL B 304 13.57 27.44 16.40
C VAL B 304 12.51 27.24 17.48
N GLU B 305 11.33 26.81 17.08
CA GLU B 305 10.24 26.48 18.01
C GLU B 305 10.63 25.34 18.96
N GLN B 306 10.16 25.41 20.20
CA GLN B 306 10.44 24.39 21.19
C GLN B 306 9.27 23.42 21.34
N PHE B 307 9.57 22.17 21.68
CA PHE B 307 8.54 21.13 21.82
C PHE B 307 8.65 20.39 23.15
N LYS B 308 7.72 19.46 23.38
CA LYS B 308 7.70 18.70 24.63
C LYS B 308 8.68 17.53 24.61
N ASP B 309 9.95 17.85 24.83
CA ASP B 309 11.07 16.87 24.87
C ASP B 309 11.52 16.33 23.51
N ASP B 310 11.26 17.08 22.43
CA ASP B 310 11.65 16.65 21.09
C ASP B 310 12.38 17.76 20.32
N GLN B 311 13.09 17.37 19.26
CA GLN B 311 13.83 18.32 18.43
C GLN B 311 13.48 18.19 16.94
N ILE B 312 13.74 19.25 16.17
CA ILE B 312 13.52 19.24 14.73
C ILE B 312 14.72 18.62 14.01
N ILE B 313 15.77 18.33 14.77
CA ILE B 313 17.06 17.95 14.21
C ILE B 313 17.12 16.45 13.93
N ASP B 314 16.32 15.68 14.68
CA ASP B 314 16.35 14.24 14.59
C ASP B 314 15.24 13.62 15.42
N THR B 315 14.14 13.27 14.77
CA THR B 315 13.12 12.44 15.39
C THR B 315 13.31 10.90 15.44
N ASN B 316 14.10 10.25 14.58
CA ASN B 316 15.05 10.83 13.61
C ASN B 316 14.42 11.44 12.35
N GLY B 317 13.13 11.23 12.16
CA GLY B 317 12.46 11.66 10.96
C GLY B 317 12.11 13.14 10.86
N ALA B 318 12.40 13.90 11.91
CA ALA B 318 12.09 15.33 11.91
C ALA B 318 13.00 16.10 10.97
N GLY B 319 14.25 15.65 10.88
CA GLY B 319 15.23 16.25 9.99
C GLY B 319 14.85 16.04 8.54
N ASP B 320 14.30 14.87 8.23
CA ASP B 320 13.83 14.59 6.87
C ASP B 320 12.64 15.47 6.52
N ALA B 321 11.80 15.72 7.52
CA ALA B 321 10.62 16.57 7.33
C ALA B 321 11.02 18.04 7.18
N PHE B 322 12.06 18.44 7.91
CA PHE B 322 12.60 19.78 7.83
C PHE B 322 13.05 20.07 6.40
N ALA B 323 13.77 19.14 5.80
CA ALA B 323 14.22 19.31 4.43
C ALA B 323 13.04 19.41 3.47
N ALA B 324 12.02 18.58 3.69
CA ALA B 324 10.83 18.58 2.83
C ALA B 324 10.09 19.92 2.88
N GLY B 325 9.87 20.44 4.08
CA GLY B 325 9.14 21.68 4.24
C GLY B 325 9.88 22.86 3.63
N PHE B 326 11.19 22.91 3.81
CA PHE B 326 11.99 23.96 3.20
C PHE B 326 11.87 23.92 1.68
N ILE B 327 12.09 22.74 1.10
CA ILE B 327 12.12 22.60 -0.34
C ILE B 327 10.75 22.87 -0.98
N ALA B 328 9.69 22.33 -0.39
CA ALA B 328 8.35 22.49 -0.94
C ALA B 328 7.95 23.96 -1.06
N ASP B 329 8.45 24.81 -0.16
CA ASP B 329 8.16 26.23 -0.23
C ASP B 329 9.17 26.99 -1.08
N TYR B 330 10.44 26.63 -0.96
CA TYR B 330 11.50 27.33 -1.68
C TYR B 330 11.35 27.19 -3.19
N ILE B 331 10.93 26.01 -3.66
CA ILE B 331 10.79 25.76 -5.08
C ILE B 331 9.51 26.37 -5.65
N ARG B 332 8.64 26.83 -4.76
CA ARG B 332 7.43 27.53 -5.18
C ARG B 332 7.56 29.05 -5.04
N GLY B 333 8.81 29.52 -4.94
CA GLY B 333 9.08 30.95 -4.96
C GLY B 333 9.15 31.65 -3.61
N LYS B 334 9.02 30.91 -2.51
CA LYS B 334 9.07 31.52 -1.20
C LYS B 334 10.50 31.92 -0.83
N PRO B 335 10.67 33.07 -0.17
CA PRO B 335 12.00 33.52 0.25
C PRO B 335 12.64 32.56 1.26
N MET B 336 13.93 32.76 1.51
CA MET B 336 14.71 32.00 2.47
C MET B 336 14.03 31.85 3.83
N ILE B 337 13.80 32.98 4.50
CA ILE B 337 13.22 33.01 5.83
C ILE B 337 11.88 32.31 5.90
N THR B 338 11.01 32.63 4.94
CA THR B 338 9.67 32.05 4.87
C THR B 338 9.78 30.54 4.74
N SER B 339 10.71 30.08 3.92
CA SER B 339 10.94 28.65 3.70
C SER B 339 11.44 27.96 4.96
N LEU B 340 12.32 28.62 5.72
CA LEU B 340 12.79 28.08 6.98
C LEU B 340 11.64 27.89 7.98
N HIS B 341 10.68 28.82 7.96
CA HIS B 341 9.49 28.67 8.80
C HIS B 341 8.65 27.48 8.34
N ALA B 342 8.59 27.27 7.03
CA ALA B 342 7.85 26.14 6.48
C ALA B 342 8.57 24.85 6.83
N ALA B 343 9.90 24.94 6.91
CA ALA B 343 10.72 23.78 7.26
C ALA B 343 10.47 23.35 8.71
N VAL B 344 10.47 24.32 9.62
CA VAL B 344 10.18 24.05 11.03
C VAL B 344 8.76 23.53 11.22
N LYS B 345 7.83 24.06 10.44
CA LYS B 345 6.44 23.65 10.51
C LYS B 345 6.26 22.17 10.17
N ALA B 346 7.02 21.70 9.18
CA ALA B 346 6.99 20.29 8.77
C ALA B 346 7.60 19.38 9.84
N ALA B 347 8.73 19.81 10.40
CA ALA B 347 9.39 19.07 11.46
C ALA B 347 8.48 19.00 12.69
N ALA B 348 7.77 20.09 12.94
CA ALA B 348 6.84 20.17 14.06
C ALA B 348 5.69 19.18 13.93
N TYR B 349 5.21 19.02 12.69
CA TYR B 349 4.10 18.12 12.42
C TYR B 349 4.50 16.67 12.66
N ILE B 350 5.68 16.31 12.18
CA ILE B 350 6.19 14.96 12.35
C ILE B 350 6.43 14.65 13.82
N ILE B 351 6.93 15.64 14.56
CA ILE B 351 7.13 15.51 16.00
C ILE B 351 5.81 15.23 16.74
N CYS B 352 4.76 15.97 16.39
CA CYS B 352 3.46 15.81 17.05
C CYS B 352 2.77 14.48 16.73
N ARG B 353 3.24 13.82 15.68
CA ARG B 353 2.72 12.49 15.34
C ARG B 353 3.69 11.38 15.71
N SER B 354 3.17 10.17 15.83
CA SER B 354 4.00 9.02 16.20
C SER B 354 4.93 8.63 15.05
N GLY B 355 6.20 8.96 15.19
CA GLY B 355 7.19 8.67 14.16
C GLY B 355 6.95 9.45 12.89
N PHE B 356 7.34 8.89 11.74
CA PHE B 356 7.14 9.56 10.46
C PHE B 356 5.86 9.10 9.78
N SER B 357 4.73 9.64 10.23
CA SER B 357 3.43 9.26 9.69
C SER B 357 2.73 10.49 9.12
N LEU B 358 2.25 10.38 7.89
CA LEU B 358 1.54 11.47 7.25
C LEU B 358 0.05 11.20 7.28
N GLY B 359 -0.68 11.97 8.09
CA GLY B 359 -2.12 11.83 8.20
C GLY B 359 -2.84 12.64 7.15
N SER B 360 -4.09 12.98 7.42
CA SER B 360 -4.89 13.75 6.47
C SER B 360 -4.30 15.14 6.24
N ARG B 361 -4.23 15.52 4.98
CA ARG B 361 -3.57 16.76 4.57
C ARG B 361 -4.21 18.01 5.17
N ASP B 362 -5.51 17.94 5.44
CA ASP B 362 -6.25 19.09 5.97
C ASP B 362 -5.91 19.38 7.43
N SER B 363 -5.30 18.41 8.11
CA SER B 363 -4.91 18.58 9.50
C SER B 363 -3.50 19.14 9.63
N TYR B 364 -2.99 19.72 8.55
CA TYR B 364 -1.65 20.27 8.54
C TYR B 364 -1.66 21.72 9.00
N SER B 365 -2.72 22.44 8.63
CA SER B 365 -2.87 23.88 8.88
C SER B 365 -1.85 24.70 8.12
O5' ADN C . -12.40 -14.42 -6.60
C5' ADN C . -11.00 -14.51 -6.35
C4' ADN C . -10.66 -14.05 -4.96
O4' ADN C . -11.27 -14.92 -3.99
C3' ADN C . -9.17 -14.02 -4.59
O3' ADN C . -8.71 -12.67 -4.53
C2' ADN C . -9.10 -14.65 -3.18
O2' ADN C . -8.39 -13.90 -2.23
C1' ADN C . -10.57 -14.77 -2.79
N9 ADN C . -10.87 -15.90 -1.91
C8 ADN C . -10.44 -17.14 -2.03
N7 ADN C . -10.98 -17.91 -0.89
C5 ADN C . -11.76 -17.03 -0.09
C6 ADN C . -12.48 -17.21 1.09
N6 ADN C . -12.51 -18.51 1.70
N1 ADN C . -13.15 -16.15 1.67
C2 ADN C . -13.13 -14.90 1.08
N3 ADN C . -12.41 -14.71 -0.07
C4 ADN C . -11.72 -15.81 -0.66
CL CL D . -15.31 -12.43 1.57
O5' ADN E . 15.35 10.02 9.50
C5' ADN E . 14.87 8.75 9.94
C4' ADN E . 14.83 7.77 8.80
O4' ADN E . 16.15 7.39 8.43
C3' ADN E . 14.09 6.45 9.06
O3' ADN E . 12.83 6.46 8.39
C2' ADN E . 15.00 5.38 8.44
O2' ADN E . 14.35 4.48 7.57
C1' ADN E . 16.07 6.20 7.71
N9 ADN E . 17.39 5.59 7.64
C8 ADN E . 18.08 5.03 8.62
N7 ADN E . 19.33 4.51 8.04
C5 ADN E . 19.32 4.79 6.65
C6 ADN E . 20.23 4.53 5.62
N6 ADN E . 21.47 3.84 5.89
N1 ADN E . 19.94 4.92 4.32
C2 ADN E . 18.77 5.58 4.04
N3 ADN E . 17.88 5.83 5.04
C4 ADN E . 18.18 5.43 6.35
CL CL F . 17.99 7.39 1.38
#